data_4JXG
#
_entry.id   4JXG
#
_cell.length_a   117.856
_cell.length_b   76.868
_cell.length_c   97.845
_cell.angle_alpha   90.00
_cell.angle_beta   117.01
_cell.angle_gamma   90.00
#
_symmetry.space_group_name_H-M   'C 1 2 1'
#
loop_
_entity.id
_entity.type
_entity.pdbx_description
1 polymer Beta-lactamase
2 branched beta-D-fructofuranose-(2-1)-alpha-D-glucopyranose
3 non-polymer '(2R,4S)-5,5-dimethyl-2-[(1R)-1-{[(5-methyl-3-phenyl-1,2-oxazol-4-yl)carbonyl]amino}-2-oxoethyl]-1,3-thiazolidine-4-carb oxylic acid'
4 non-polymer 'PHOSPHATE ION'
5 water water
#
_entity_poly.entity_id   1
_entity_poly.type   'polypeptide(L)'
_entity_poly.pdbx_seq_one_letter_code
;APQQINDIVHRTITPLIEQQKIPGMAVAVIYQGKPYYFTWGYADIAKKQPVTQQTLFELGSVSKTFTGVLGGDAIARGEI
KLSDPTTKYWPELTAKQWNGITLLHLATYTAGGLPLQVPDEVKSSSDLLRFYQNWQPAWAPGTQRLYANSSIGLFGALAV
KPSGLSFEQAMQTRVFQPLKLNHTWINVPPAEEKNYAWGYREGKAVHVSPGALDAEAYGVKSTIEDMARWVQSNLKPLDI
NEKTLQQGIQLAQSRYWQTGDMYQGLGWEMLDWPVNPDSIINGSDNKIALAARPVKAITPPTPAVRASWVHKTGATGGFG
SYVAFIPEKELGIVMLANKNYPNPARVDAAWQILNALQ
;
_entity_poly.pdbx_strand_id   B,A
#
loop_
_chem_comp.id
_chem_comp.type
_chem_comp.name
_chem_comp.formula
1S6 non-polymer '(2R,4S)-5,5-dimethyl-2-[(1R)-1-{[(5-methyl-3-phenyl-1,2-oxazol-4-yl)carbonyl]amino}-2-oxoethyl]-1,3-thiazolidine-4-carb oxylic acid' 'C19 H21 N3 O5 S'
FRU D-saccharide, beta linking beta-D-fructofuranose 'C6 H12 O6'
GLC D-saccharide, alpha linking alpha-D-glucopyranose 'C6 H12 O6'
PO4 non-polymer 'PHOSPHATE ION' 'O4 P -3'
#
# COMPACT_ATOMS: atom_id res chain seq x y z
N ALA A 1 -9.78 0.76 35.69
CA ALA A 1 -8.48 0.27 35.12
C ALA A 1 -8.03 -1.09 35.74
N PRO A 2 -7.42 -2.02 34.96
CA PRO A 2 -6.63 -2.99 35.71
C PRO A 2 -5.51 -2.35 36.53
N GLN A 3 -5.37 -2.91 37.72
CA GLN A 3 -4.38 -2.63 38.67
C GLN A 3 -2.99 -2.57 38.08
N GLN A 4 -2.71 -3.49 37.17
CA GLN A 4 -1.42 -3.59 36.54
C GLN A 4 -1.09 -2.27 35.83
N ILE A 5 -2.07 -1.70 35.15
CA ILE A 5 -1.89 -0.47 34.39
C ILE A 5 -1.71 0.73 35.31
N ASN A 6 -2.60 0.87 36.29
CA ASN A 6 -2.38 1.87 37.28
C ASN A 6 -1.11 1.79 37.98
N ASP A 7 -0.69 0.58 38.38
CA ASP A 7 0.54 0.47 39.07
C ASP A 7 1.71 0.96 38.26
N ILE A 8 1.90 0.42 37.05
CA ILE A 8 3.08 0.80 36.32
C ILE A 8 3.01 2.24 35.86
N VAL A 9 1.82 2.76 35.56
CA VAL A 9 1.72 4.21 35.26
C VAL A 9 2.12 5.12 36.44
N HIS A 10 1.58 4.86 37.64
CA HIS A 10 1.97 5.61 38.78
C HIS A 10 3.41 5.53 39.17
N ARG A 11 3.98 4.32 39.07
CA ARG A 11 5.38 4.06 39.38
C ARG A 11 6.29 4.71 38.40
N THR A 12 5.82 4.95 37.18
CA THR A 12 6.68 5.50 36.09
C THR A 12 6.51 7.01 35.84
N ILE A 13 5.24 7.41 35.64
CA ILE A 13 4.97 8.75 35.23
C ILE A 13 4.98 9.68 36.44
N THR A 14 4.44 9.23 37.59
CA THR A 14 4.35 10.16 38.67
C THR A 14 5.76 10.67 39.06
N PRO A 15 6.75 9.76 39.16
CA PRO A 15 8.10 10.28 39.46
C PRO A 15 8.77 11.02 38.34
N LEU A 16 8.46 10.65 37.09
CA LEU A 16 8.93 11.46 35.93
C LEU A 16 8.53 12.94 36.07
N ILE A 17 7.30 13.14 36.49
CA ILE A 17 6.73 14.46 36.66
C ILE A 17 7.55 15.21 37.72
N GLU A 18 7.84 14.52 38.84
CA GLU A 18 8.61 15.20 39.90
C GLU A 18 10.00 15.56 39.45
N GLN A 19 10.64 14.63 38.76
CA GLN A 19 12.01 14.82 38.28
C GLN A 19 12.17 15.94 37.27
N GLN A 20 11.15 16.06 36.39
CA GLN A 20 11.18 17.03 35.36
C GLN A 20 10.49 18.29 35.68
N LYS A 21 9.82 18.39 36.88
CA LYS A 21 9.10 19.56 37.22
C LYS A 21 8.02 19.94 36.17
N ILE A 22 7.30 18.89 35.77
CA ILE A 22 6.20 19.13 34.82
C ILE A 22 4.95 19.65 35.52
N PRO A 23 4.41 20.77 35.03
CA PRO A 23 3.26 21.38 35.76
C PRO A 23 1.99 20.61 35.60
N GLY A 24 1.76 19.98 34.44
CA GLY A 24 0.54 19.27 34.19
C GLY A 24 0.75 18.23 33.09
N MET A 25 0.03 17.13 33.23
CA MET A 25 0.32 16.02 32.33
C MET A 25 -0.93 15.20 32.22
N ALA A 26 -1.15 14.69 30.99
CA ALA A 26 -2.20 13.70 30.80
C ALA A 26 -1.62 12.55 30.06
N VAL A 27 -2.11 11.35 30.43
CA VAL A 27 -1.60 10.12 29.79
C VAL A 27 -2.76 9.23 29.45
N ALA A 28 -2.72 8.60 28.30
CA ALA A 28 -3.66 7.55 27.99
C ALA A 28 -2.85 6.31 27.71
N VAL A 29 -3.32 5.17 28.23
CA VAL A 29 -2.75 3.89 27.85
C VAL A 29 -3.85 3.20 27.13
N ILE A 30 -3.53 2.61 25.99
CA ILE A 30 -4.49 1.81 25.25
C ILE A 30 -4.08 0.37 25.46
N TYR A 31 -5.00 -0.50 26.00
CA TYR A 31 -4.62 -1.80 26.47
C TYR A 31 -5.71 -2.70 25.99
N GLN A 32 -5.32 -3.74 25.24
CA GLN A 32 -6.29 -4.55 24.52
C GLN A 32 -7.30 -3.71 23.82
N GLY A 33 -6.81 -2.64 23.25
CA GLY A 33 -7.68 -1.82 22.47
C GLY A 33 -8.57 -0.84 23.22
N LYS A 34 -8.61 -0.85 24.58
CA LYS A 34 -9.41 0.13 25.38
C LYS A 34 -8.49 1.22 26.02
N PRO A 35 -8.96 2.45 26.10
CA PRO A 35 -8.18 3.56 26.72
C PRO A 35 -8.39 3.67 28.18
N TYR A 36 -7.34 3.99 28.87
CA TYR A 36 -7.35 4.30 30.30
C TYR A 36 -6.59 5.62 30.50
N TYR A 37 -7.15 6.51 31.28
CA TYR A 37 -6.68 7.88 31.41
C TYR A 37 -6.15 8.25 32.75
N PHE A 38 -5.16 9.12 32.79
CA PHE A 38 -4.44 9.50 33.95
C PHE A 38 -4.14 10.97 33.82
N THR A 39 -4.38 11.75 34.89
CA THR A 39 -4.06 13.17 34.88
C THR A 39 -3.31 13.61 36.12
N TRP A 40 -2.50 14.61 35.97
CA TRP A 40 -1.76 15.22 37.04
C TRP A 40 -1.66 16.72 36.88
N GLY A 41 -1.73 17.44 37.98
CA GLY A 41 -1.33 18.84 37.97
C GLY A 41 -2.30 19.77 37.24
N TYR A 42 -1.72 20.83 36.73
CA TYR A 42 -2.39 21.98 36.23
C TYR A 42 -2.16 22.28 34.75
N ALA A 43 -3.25 22.56 34.05
CA ALA A 43 -3.30 23.18 32.72
C ALA A 43 -2.86 24.65 32.78
N ASP A 44 -3.24 25.31 33.88
CA ASP A 44 -3.00 26.74 34.07
C ASP A 44 -2.62 26.92 35.54
N ILE A 45 -1.36 27.23 35.76
CA ILE A 45 -0.77 27.14 37.11
C ILE A 45 -1.33 28.33 37.91
N ALA A 46 -1.36 29.48 37.29
CA ALA A 46 -1.83 30.68 37.99
C ALA A 46 -3.30 30.55 38.47
N LYS A 47 -4.18 30.11 37.58
CA LYS A 47 -5.56 29.87 37.88
C LYS A 47 -5.86 28.57 38.57
N LYS A 48 -4.83 27.75 38.79
CA LYS A 48 -4.99 26.42 39.37
C LYS A 48 -6.10 25.64 38.68
N GLN A 49 -6.10 25.65 37.36
CA GLN A 49 -7.04 24.96 36.57
C GLN A 49 -6.41 23.55 36.31
N PRO A 50 -7.07 22.46 36.72
CA PRO A 50 -6.50 21.10 36.63
C PRO A 50 -6.48 20.68 35.21
N VAL A 51 -5.55 19.80 34.93
CA VAL A 51 -5.63 19.01 33.71
C VAL A 51 -6.81 18.05 33.78
N THR A 52 -7.62 18.04 32.77
CA THR A 52 -8.70 17.11 32.56
C THR A 52 -8.63 16.42 31.22
N GLN A 53 -9.60 15.51 31.04
CA GLN A 53 -9.79 14.83 29.76
C GLN A 53 -10.16 15.80 28.62
N GLN A 54 -10.58 17.01 28.97
CA GLN A 54 -10.90 18.11 28.01
C GLN A 54 -9.80 19.14 27.74
N THR A 55 -8.66 19.01 28.43
CA THR A 55 -7.57 19.98 28.29
C THR A 55 -6.93 19.77 26.92
N LEU A 56 -6.73 20.89 26.20
CA LEU A 56 -6.00 20.82 24.94
C LEU A 56 -4.56 21.13 25.20
N PHE A 57 -3.70 20.30 24.60
CA PHE A 57 -2.29 20.44 24.68
C PHE A 57 -1.76 20.64 23.27
N GLU A 58 -0.69 21.39 23.11
CA GLU A 58 0.03 21.51 21.82
C GLU A 58 0.77 20.20 21.58
N LEU A 59 0.49 19.58 20.44
CA LEU A 59 1.12 18.36 20.06
C LEU A 59 2.46 18.54 19.44
N GLY A 60 2.76 19.77 19.05
CA GLY A 60 4.05 19.94 18.38
C GLY A 60 4.16 19.01 17.16
N SER A 61 5.34 18.41 17.01
CA SER A 61 5.66 17.63 15.78
C SER A 61 4.94 16.29 15.77
N VAL A 62 4.17 15.91 16.81
CA VAL A 62 3.20 14.80 16.63
C VAL A 62 2.15 15.15 15.57
N SER A 63 1.91 16.44 15.31
CA SER A 63 1.08 16.94 14.23
C SER A 63 1.44 16.27 12.89
N LYS A 64 2.70 15.97 12.72
CA LYS A 64 3.19 15.34 11.46
C LYS A 64 2.48 14.02 11.17
N THR A 65 1.99 13.36 12.24
CA THR A 65 1.34 12.06 12.04
C THR A 65 -0.01 12.33 11.36
N PHE A 66 -0.66 13.42 11.72
CA PHE A 66 -1.90 13.83 11.03
C PHE A 66 -1.63 14.27 9.64
N THR A 67 -0.52 14.99 9.41
CA THR A 67 -0.17 15.45 8.10
C THR A 67 0.12 14.21 7.19
N GLY A 68 0.83 13.24 7.71
CA GLY A 68 1.15 12.04 6.92
C GLY A 68 -0.09 11.25 6.55
N VAL A 69 -0.99 11.12 7.48
CA VAL A 69 -2.24 10.37 7.21
C VAL A 69 -3.13 11.13 6.22
N LEU A 70 -3.21 12.45 6.33
CA LEU A 70 -3.94 13.28 5.37
C LEU A 70 -3.34 13.14 3.97
N GLY A 71 -1.99 13.13 3.86
CA GLY A 71 -1.36 12.88 2.60
C GLY A 71 -1.68 11.49 2.13
N GLY A 72 -1.67 10.52 3.02
CA GLY A 72 -2.02 9.11 2.65
C GLY A 72 -3.41 9.06 2.06
N ASP A 73 -4.32 9.74 2.73
CA ASP A 73 -5.70 9.78 2.24
C ASP A 73 -5.82 10.45 0.90
N ALA A 74 -5.08 11.49 0.59
CA ALA A 74 -5.06 12.10 -0.72
C ALA A 74 -4.48 11.15 -1.81
N ILE A 75 -3.49 10.35 -1.45
CA ILE A 75 -2.90 9.33 -2.40
C ILE A 75 -4.04 8.30 -2.69
N ALA A 76 -4.75 7.91 -1.67
CA ALA A 76 -5.80 6.84 -1.78
C ALA A 76 -6.96 7.33 -2.63
N ARG A 77 -7.23 8.61 -2.55
CA ARG A 77 -8.32 9.27 -3.33
C ARG A 77 -7.89 9.44 -4.77
N GLY A 78 -6.60 9.21 -5.06
CA GLY A 78 -6.04 9.41 -6.41
C GLY A 78 -5.81 10.85 -6.77
N GLU A 79 -5.66 11.72 -5.78
CA GLU A 79 -5.39 13.13 -5.99
C GLU A 79 -3.93 13.50 -6.15
N ILE A 80 -3.10 12.78 -5.38
CA ILE A 80 -1.63 12.93 -5.50
C ILE A 80 -0.96 11.56 -5.59
N LYS A 81 0.29 11.59 -6.07
CA LYS A 81 1.19 10.43 -5.98
C LYS A 81 2.51 10.85 -5.37
N LEU A 82 3.04 9.94 -4.53
CA LEU A 82 4.37 10.27 -3.90
C LEU A 82 5.48 10.38 -4.92
N SER A 83 5.31 9.74 -6.09
CA SER A 83 6.29 9.78 -7.16
C SER A 83 6.26 11.06 -7.98
N ASP A 84 5.30 11.92 -7.74
CA ASP A 84 5.22 13.13 -8.52
C ASP A 84 6.20 14.16 -8.06
N PRO A 85 6.73 14.88 -9.02
CA PRO A 85 7.58 16.00 -8.71
C PRO A 85 6.87 17.04 -7.92
N THR A 86 7.67 17.73 -7.09
CA THR A 86 7.13 18.80 -6.20
C THR A 86 6.53 19.86 -7.13
N THR A 87 7.21 20.15 -8.23
CA THR A 87 6.71 21.12 -9.19
C THR A 87 5.35 20.86 -9.77
N LYS A 88 4.88 19.64 -9.86
CA LYS A 88 3.52 19.38 -10.34
C LYS A 88 2.43 20.06 -9.51
N TYR A 89 2.64 20.21 -8.21
CA TYR A 89 1.63 20.79 -7.33
C TYR A 89 1.98 22.23 -6.97
N TRP A 90 3.19 22.68 -7.32
CA TRP A 90 3.59 24.07 -7.11
C TRP A 90 4.26 24.54 -8.36
N PRO A 91 3.46 24.91 -9.36
CA PRO A 91 4.11 25.05 -10.68
C PRO A 91 5.13 26.20 -10.70
N GLU A 92 4.98 27.22 -9.86
CA GLU A 92 5.99 28.32 -9.69
C GLU A 92 7.36 27.95 -9.06
N LEU A 93 7.46 26.77 -8.52
CA LEU A 93 8.72 26.30 -7.95
C LEU A 93 9.47 25.63 -9.12
N THR A 94 10.21 26.46 -9.84
CA THR A 94 10.77 26.01 -11.09
C THR A 94 12.31 25.94 -11.09
N ALA A 95 12.98 26.35 -9.99
CA ALA A 95 14.44 26.29 -9.94
C ALA A 95 14.97 24.89 -10.10
N LYS A 96 16.09 24.74 -10.82
CA LYS A 96 16.55 23.47 -11.33
C LYS A 96 16.91 22.45 -10.24
N GLN A 97 17.24 22.93 -9.01
CA GLN A 97 17.62 22.00 -7.91
C GLN A 97 16.37 21.19 -7.46
N TRP A 98 15.18 21.63 -7.89
CA TRP A 98 13.98 20.87 -7.57
C TRP A 98 13.65 19.75 -8.52
N ASN A 99 14.33 19.75 -9.65
CA ASN A 99 14.21 18.63 -10.53
C ASN A 99 14.67 17.33 -9.88
N GLY A 100 13.80 16.35 -9.80
CA GLY A 100 14.15 15.15 -9.13
C GLY A 100 13.64 15.03 -7.70
N ILE A 101 13.17 16.11 -7.15
CA ILE A 101 12.60 16.12 -5.77
C ILE A 101 11.12 15.87 -5.85
N THR A 102 10.67 14.76 -5.27
CA THR A 102 9.31 14.30 -5.33
C THR A 102 8.58 14.55 -4.03
N LEU A 103 7.30 14.39 -4.07
CA LEU A 103 6.52 14.48 -2.84
C LEU A 103 7.05 13.48 -1.76
N LEU A 104 7.47 12.27 -2.14
CA LEU A 104 8.01 11.28 -1.21
C LEU A 104 9.16 11.92 -0.46
N HIS A 105 10.02 12.58 -1.16
CA HIS A 105 11.21 13.17 -0.52
C HIS A 105 10.80 14.20 0.51
N LEU A 106 9.85 15.02 0.17
CA LEU A 106 9.35 16.05 1.15
C LEU A 106 8.79 15.40 2.35
N ALA A 107 7.97 14.38 2.14
CA ALA A 107 7.26 13.80 3.23
C ALA A 107 8.18 13.05 4.20
N THR A 108 9.34 12.54 3.74
CA THR A 108 10.20 11.69 4.47
C THR A 108 11.60 12.30 4.79
N TYR A 109 11.68 13.60 4.64
CA TYR A 109 12.91 14.37 4.96
C TYR A 109 14.08 14.04 4.18
N THR A 110 13.87 13.55 2.94
CA THR A 110 14.96 13.09 2.09
C THR A 110 15.18 13.88 0.82
N ALA A 111 14.75 15.13 0.81
CA ALA A 111 14.88 16.01 -0.32
C ALA A 111 16.36 16.45 -0.52
N GLY A 112 17.17 16.33 0.46
CA GLY A 112 18.60 16.68 0.38
C GLY A 112 18.97 17.82 1.25
N GLY A 113 18.45 17.87 2.49
CA GLY A 113 18.86 18.92 3.42
C GLY A 113 18.04 20.16 3.52
N LEU A 114 16.74 20.03 3.35
CA LEU A 114 15.83 21.11 3.76
C LEU A 114 15.99 21.28 5.27
N PRO A 115 15.94 22.55 5.77
CA PRO A 115 16.33 22.82 7.13
C PRO A 115 15.28 22.54 8.14
N LEU A 116 15.70 22.31 9.37
CA LEU A 116 14.77 22.06 10.40
C LEU A 116 13.61 23.00 10.46
N GLN A 117 13.92 24.32 10.46
CA GLN A 117 12.93 25.33 10.50
C GLN A 117 12.90 26.16 9.23
N VAL A 118 11.71 26.56 8.88
CA VAL A 118 11.52 27.65 7.93
C VAL A 118 12.02 28.91 8.69
N PRO A 119 12.88 29.72 8.09
CA PRO A 119 13.29 30.91 8.89
C PRO A 119 12.10 31.75 9.40
N ASP A 120 12.31 32.35 10.56
CA ASP A 120 11.29 33.13 11.19
C ASP A 120 10.87 34.36 10.35
N GLU A 121 11.79 34.85 9.52
CA GLU A 121 11.52 36.00 8.70
C GLU A 121 10.58 35.70 7.57
N VAL A 122 10.31 34.41 7.28
CA VAL A 122 9.41 34.07 6.20
C VAL A 122 7.99 34.14 6.71
N LYS A 123 7.22 35.09 6.19
CA LYS A 123 5.88 35.47 6.73
C LYS A 123 4.79 35.66 5.69
N SER A 124 5.07 35.46 4.41
CA SER A 124 4.05 35.58 3.30
C SER A 124 4.28 34.47 2.37
N SER A 125 3.35 34.24 1.47
CA SER A 125 3.46 33.32 0.36
C SER A 125 4.62 33.61 -0.55
N SER A 126 4.82 34.88 -0.81
CA SER A 126 5.97 35.33 -1.59
C SER A 126 7.32 35.02 -0.95
N ASP A 127 7.41 35.23 0.35
CA ASP A 127 8.62 34.93 1.11
C ASP A 127 8.94 33.41 1.04
N LEU A 128 7.87 32.62 1.11
CA LEU A 128 8.02 31.17 1.14
C LEU A 128 8.49 30.66 -0.22
N LEU A 129 7.91 31.18 -1.31
CA LEU A 129 8.35 30.77 -2.63
C LEU A 129 9.81 31.11 -2.72
N ARG A 130 10.15 32.33 -2.32
CA ARG A 130 11.58 32.76 -2.45
C ARG A 130 12.50 31.82 -1.67
N PHE A 131 12.06 31.44 -0.48
CA PHE A 131 12.87 30.57 0.39
C PHE A 131 13.19 29.23 -0.30
N TYR A 132 12.17 28.59 -0.81
CA TYR A 132 12.39 27.30 -1.43
C TYR A 132 13.13 27.44 -2.79
N GLN A 133 12.79 28.48 -3.57
CA GLN A 133 13.51 28.75 -4.85
C GLN A 133 15.00 28.95 -4.66
N ASN A 134 15.38 29.58 -3.57
CA ASN A 134 16.78 29.90 -3.26
C ASN A 134 17.52 28.81 -2.49
N TRP A 135 16.77 27.81 -1.98
CA TRP A 135 17.39 26.73 -1.23
C TRP A 135 18.28 25.87 -2.08
N GLN A 136 19.51 25.59 -1.63
CA GLN A 136 20.42 24.71 -2.37
C GLN A 136 20.72 23.48 -1.53
N PRO A 137 20.54 22.31 -2.13
CA PRO A 137 20.67 21.12 -1.35
C PRO A 137 22.05 20.79 -0.90
N ALA A 138 22.13 20.17 0.25
CA ALA A 138 23.38 19.59 0.81
C ALA A 138 23.76 18.27 0.15
N TRP A 139 22.73 17.52 -0.28
CA TRP A 139 22.87 16.18 -0.84
C TRP A 139 21.87 15.96 -1.97
N ALA A 140 22.11 14.92 -2.80
CA ALA A 140 21.18 14.58 -3.85
C ALA A 140 19.88 14.07 -3.17
N PRO A 141 18.80 14.11 -3.91
CA PRO A 141 17.53 13.59 -3.37
C PRO A 141 17.60 12.12 -3.07
N GLY A 142 16.93 11.71 -2.02
CA GLY A 142 16.86 10.30 -1.67
C GLY A 142 18.14 9.64 -1.24
N THR A 143 19.08 10.38 -0.61
CA THR A 143 20.26 9.84 -0.05
C THR A 143 20.46 9.99 1.44
N GLN A 144 19.95 11.11 2.01
CA GLN A 144 20.14 11.41 3.41
C GLN A 144 18.83 11.85 4.02
N ARG A 145 18.57 11.40 5.23
CA ARG A 145 17.43 11.84 6.02
C ARG A 145 17.86 12.94 6.97
N LEU A 146 17.24 14.09 6.86
CA LEU A 146 17.49 15.25 7.78
C LEU A 146 16.14 15.76 8.25
N TYR A 147 15.82 15.39 9.47
CA TYR A 147 14.58 15.82 10.01
C TYR A 147 14.26 17.25 9.89
N ALA A 148 13.12 17.59 9.36
CA ALA A 148 12.85 18.98 8.95
C ALA A 148 11.41 19.38 8.93
N ASN A 149 11.01 20.42 9.73
CA ASN A 149 9.68 20.93 9.52
C ASN A 149 9.43 21.51 8.13
N SER A 150 10.46 22.10 7.51
CA SER A 150 10.35 22.71 6.20
C SER A 150 10.12 21.69 5.09
N SER A 151 10.35 20.42 5.37
CA SER A 151 10.17 19.35 4.40
C SER A 151 8.74 18.84 4.45
N ILE A 152 8.38 18.27 5.57
CA ILE A 152 7.03 17.69 5.66
C ILE A 152 5.99 18.79 5.68
N GLY A 153 6.35 19.98 6.17
CA GLY A 153 5.49 21.09 6.08
C GLY A 153 5.06 21.46 4.70
N LEU A 154 6.02 21.48 3.77
CA LEU A 154 5.69 21.70 2.38
C LEU A 154 4.88 20.53 1.80
N PHE A 155 5.25 19.32 2.11
CA PHE A 155 4.44 18.17 1.68
C PHE A 155 2.99 18.40 1.99
N GLY A 156 2.71 18.76 3.24
CA GLY A 156 1.34 18.91 3.65
C GLY A 156 0.61 19.97 2.88
N ALA A 157 1.29 21.07 2.62
CA ALA A 157 0.70 22.17 1.87
C ALA A 157 0.44 21.84 0.43
N LEU A 158 1.34 21.06 -0.16
CA LEU A 158 1.17 20.64 -1.53
C LEU A 158 0.11 19.52 -1.69
N ALA A 159 0.04 18.61 -0.74
CA ALA A 159 -0.75 17.42 -0.81
C ALA A 159 -2.26 17.75 -0.91
N VAL A 160 -2.66 18.86 -0.31
CA VAL A 160 -4.11 19.20 -0.29
C VAL A 160 -4.44 20.08 -1.54
N LYS A 161 -3.48 20.48 -2.33
CA LYS A 161 -3.82 21.40 -3.47
C LYS A 161 -4.86 20.85 -4.48
N PRO A 162 -4.72 19.59 -4.92
CA PRO A 162 -5.69 19.03 -5.85
C PRO A 162 -7.12 19.05 -5.34
N SER A 163 -7.30 18.84 -4.07
CA SER A 163 -8.63 18.86 -3.45
C SER A 163 -9.27 20.27 -3.51
N GLY A 164 -8.42 21.28 -3.59
CA GLY A 164 -8.76 22.71 -3.52
C GLY A 164 -9.15 23.25 -2.15
N LEU A 165 -9.12 22.37 -1.14
CA LEU A 165 -9.42 22.70 0.23
C LEU A 165 -8.20 23.34 0.85
N SER A 166 -8.38 24.24 1.77
CA SER A 166 -7.27 24.68 2.64
C SER A 166 -6.75 23.48 3.43
N PHE A 167 -5.54 23.56 3.91
CA PHE A 167 -5.00 22.44 4.75
C PHE A 167 -5.84 22.21 5.97
N GLU A 168 -6.23 23.27 6.67
CA GLU A 168 -7.12 23.10 7.82
C GLU A 168 -8.49 22.42 7.51
N GLN A 169 -9.13 22.86 6.40
CA GLN A 169 -10.41 22.25 6.03
C GLN A 169 -10.31 20.81 5.58
N ALA A 170 -9.24 20.52 4.84
CA ALA A 170 -9.00 19.14 4.46
C ALA A 170 -8.76 18.26 5.71
N MET A 171 -7.96 18.76 6.67
CA MET A 171 -7.68 17.98 7.84
C MET A 171 -8.94 17.74 8.65
N GLN A 172 -9.73 18.79 8.83
CA GLN A 172 -10.96 18.71 9.60
C GLN A 172 -11.98 17.77 9.03
N THR A 173 -12.19 17.84 7.74
CA THR A 173 -13.26 17.06 7.12
C THR A 173 -12.85 15.68 6.72
N ARG A 174 -11.53 15.49 6.51
CA ARG A 174 -11.06 14.20 6.03
C ARG A 174 -10.42 13.33 7.10
N VAL A 175 -9.95 13.92 8.17
CA VAL A 175 -9.30 13.16 9.23
C VAL A 175 -10.02 13.33 10.60
N PHE A 176 -10.12 14.55 11.08
CA PHE A 176 -10.60 14.77 12.45
C PHE A 176 -12.08 14.33 12.60
N GLN A 177 -12.92 14.73 11.66
CA GLN A 177 -14.36 14.41 11.80
C GLN A 177 -14.70 12.98 11.59
N PRO A 178 -14.17 12.33 10.57
CA PRO A 178 -14.52 10.94 10.46
C PRO A 178 -14.11 10.08 11.65
N LEU A 179 -12.98 10.42 12.31
CA LEU A 179 -12.50 9.74 13.46
C LEU A 179 -13.08 10.28 14.76
N LYS A 180 -14.02 11.22 14.62
CA LYS A 180 -14.76 11.79 15.78
C LYS A 180 -13.78 12.47 16.75
N LEU A 181 -12.76 13.12 16.19
CA LEU A 181 -11.81 13.86 17.02
C LEU A 181 -12.40 15.24 17.19
N ASN A 182 -13.31 15.34 18.16
CA ASN A 182 -14.16 16.53 18.25
C ASN A 182 -13.57 17.67 19.08
N HIS A 183 -12.36 17.50 19.67
CA HIS A 183 -11.71 18.53 20.42
C HIS A 183 -10.22 18.62 20.02
N THR A 184 -10.04 18.52 18.70
CA THR A 184 -8.75 18.57 18.03
C THR A 184 -8.80 19.67 17.00
N TRP A 185 -7.85 20.62 17.10
CA TRP A 185 -7.85 21.82 16.31
C TRP A 185 -6.45 22.23 15.82
N ILE A 186 -6.41 22.79 14.61
CA ILE A 186 -5.25 23.55 14.13
C ILE A 186 -5.32 25.00 14.70
N ASN A 187 -6.51 25.61 14.65
CA ASN A 187 -6.74 26.92 15.21
C ASN A 187 -7.83 26.74 16.31
N VAL A 188 -7.45 26.92 17.55
CA VAL A 188 -8.35 26.73 18.70
C VAL A 188 -9.48 27.81 18.67
N PRO A 189 -10.76 27.40 18.57
CA PRO A 189 -11.83 28.37 18.37
C PRO A 189 -12.19 28.94 19.74
N PRO A 190 -12.88 30.08 19.76
CA PRO A 190 -13.20 30.74 21.09
C PRO A 190 -13.77 29.86 22.16
N ALA A 191 -14.68 28.99 21.80
CA ALA A 191 -15.34 28.15 22.77
C ALA A 191 -14.38 27.18 23.50
N GLU A 192 -13.26 26.85 22.85
CA GLU A 192 -12.29 25.93 23.42
C GLU A 192 -11.15 26.64 24.18
N GLU A 193 -11.10 27.96 24.14
CA GLU A 193 -9.99 28.66 24.73
C GLU A 193 -9.82 28.39 26.23
N LYS A 194 -10.94 28.20 26.94
CA LYS A 194 -10.91 27.88 28.35
C LYS A 194 -10.27 26.53 28.67
N ASN A 195 -10.23 25.64 27.68
CA ASN A 195 -9.66 24.36 27.85
C ASN A 195 -8.24 24.28 27.28
N TYR A 196 -7.69 25.34 26.73
CA TYR A 196 -6.40 25.28 26.06
C TYR A 196 -5.36 25.50 27.16
N ALA A 197 -4.57 24.49 27.50
CA ALA A 197 -3.56 24.56 28.55
C ALA A 197 -2.56 25.62 28.16
N TRP A 198 -1.99 26.33 29.13
CA TRP A 198 -0.74 27.00 28.91
C TRP A 198 0.42 26.07 28.91
N GLY A 199 1.39 26.36 28.02
CA GLY A 199 2.67 25.78 28.09
C GLY A 199 3.59 26.52 29.06
N TYR A 200 4.63 25.87 29.54
CA TYR A 200 5.57 26.56 30.47
C TYR A 200 7.00 26.39 30.02
N ARG A 201 7.68 27.54 29.87
CA ARG A 201 9.02 27.61 29.40
C ARG A 201 9.74 28.59 30.34
N GLU A 202 10.70 28.07 31.09
CA GLU A 202 11.41 28.80 32.14
C GLU A 202 10.41 29.52 33.02
N GLY A 203 9.37 28.79 33.42
CA GLY A 203 8.32 29.35 34.26
C GLY A 203 7.30 30.32 33.67
N LYS A 204 7.47 30.73 32.40
CA LYS A 204 6.60 31.68 31.70
C LYS A 204 5.51 30.86 30.96
N ALA A 205 4.27 31.31 31.02
CA ALA A 205 3.18 30.68 30.31
C ALA A 205 3.26 31.11 28.85
N VAL A 206 3.29 30.14 27.94
CA VAL A 206 3.48 30.43 26.56
C VAL A 206 2.61 29.52 25.64
N HIS A 207 2.21 30.06 24.50
CA HIS A 207 1.51 29.29 23.47
C HIS A 207 2.38 29.39 22.22
N VAL A 208 2.32 28.37 21.36
CA VAL A 208 3.11 28.42 20.15
C VAL A 208 2.78 29.67 19.31
N SER A 209 3.78 30.29 18.70
CA SER A 209 3.52 31.44 17.81
C SER A 209 3.33 31.03 16.37
N PRO A 210 2.62 31.82 15.62
CA PRO A 210 2.35 31.51 14.26
C PRO A 210 3.65 31.51 13.49
N GLY A 211 3.68 30.66 12.48
CA GLY A 211 4.88 30.53 11.68
C GLY A 211 4.54 29.87 10.41
N ALA A 212 5.42 30.04 9.42
CA ALA A 212 5.19 29.48 8.15
C ALA A 212 5.11 27.95 8.26
N LEU A 213 4.09 27.41 7.63
CA LEU A 213 3.85 25.96 7.56
C LEU A 213 3.67 25.38 8.93
N ASP A 214 3.21 26.20 9.88
CA ASP A 214 3.00 25.68 11.19
C ASP A 214 1.92 24.58 11.31
N ALA A 215 0.80 24.75 10.69
CA ALA A 215 -0.30 23.77 10.76
C ALA A 215 0.14 22.40 10.30
N GLU A 216 0.92 22.42 9.22
CA GLU A 216 1.32 21.17 8.62
C GLU A 216 2.45 20.43 9.36
N ALA A 217 3.31 21.14 10.07
CA ALA A 217 4.45 20.58 10.80
C ALA A 217 4.26 20.38 12.31
N TYR A 218 3.58 21.34 12.95
CA TYR A 218 3.63 21.38 14.40
C TYR A 218 2.47 22.07 15.07
N GLY A 219 1.41 22.24 14.36
CA GLY A 219 0.33 23.12 14.82
C GLY A 219 -0.96 22.49 15.36
N VAL A 220 -1.03 21.20 15.55
CA VAL A 220 -2.27 20.66 16.08
C VAL A 220 -2.29 20.75 17.64
N LYS A 221 -3.48 21.01 18.17
CA LYS A 221 -3.76 20.99 19.60
C LYS A 221 -4.87 19.95 19.79
N SER A 222 -4.72 19.14 20.84
CA SER A 222 -5.72 18.05 21.07
C SER A 222 -5.79 17.71 22.51
N THR A 223 -6.81 16.93 22.83
CA THR A 223 -7.02 16.48 24.22
C THR A 223 -6.52 15.02 24.36
N ILE A 224 -6.41 14.53 25.60
CA ILE A 224 -5.99 13.11 25.80
C ILE A 224 -6.95 12.11 25.27
N GLU A 225 -8.23 12.44 25.33
CA GLU A 225 -9.27 11.55 24.78
C GLU A 225 -9.20 11.43 23.26
N ASP A 226 -9.04 12.55 22.59
CA ASP A 226 -8.94 12.56 21.18
C ASP A 226 -7.65 11.86 20.73
N MET A 227 -6.58 12.09 21.46
CA MET A 227 -5.35 11.42 21.09
C MET A 227 -5.39 9.89 21.31
N ALA A 228 -6.10 9.44 22.34
CA ALA A 228 -6.32 8.00 22.53
C ALA A 228 -7.11 7.45 21.36
N ARG A 229 -8.11 8.19 20.87
N ARG A 229 -8.09 8.19 20.86
CA ARG A 229 -8.87 7.79 19.68
CA ARG A 229 -8.83 7.75 19.70
C ARG A 229 -7.95 7.74 18.45
C ARG A 229 -7.93 7.72 18.45
N TRP A 230 -7.06 8.72 18.35
CA TRP A 230 -6.05 8.69 17.26
C TRP A 230 -5.18 7.44 17.30
N VAL A 231 -4.70 7.10 18.46
CA VAL A 231 -3.95 5.84 18.69
C VAL A 231 -4.78 4.60 18.26
N GLN A 232 -6.01 4.54 18.77
N GLN A 232 -6.02 4.46 18.75
CA GLN A 232 -6.92 3.45 18.38
CA GLN A 232 -6.83 3.26 18.30
C GLN A 232 -7.03 3.28 16.90
C GLN A 232 -7.08 3.24 16.79
N SER A 233 -7.23 4.38 16.17
CA SER A 233 -7.40 4.43 14.77
C SER A 233 -6.15 3.96 14.02
N ASN A 234 -4.99 4.37 14.52
CA ASN A 234 -3.79 3.90 13.91
C ASN A 234 -3.40 2.45 14.27
N LEU A 235 -3.86 1.97 15.40
CA LEU A 235 -3.63 0.60 15.83
C LEU A 235 -4.48 -0.34 14.92
N LYS A 236 -5.70 0.09 14.57
CA LYS A 236 -6.66 -0.79 13.87
C LYS A 236 -7.36 -0.07 12.75
N PRO A 237 -6.66 0.23 11.69
CA PRO A 237 -7.23 1.06 10.62
C PRO A 237 -8.42 0.38 9.90
N LEU A 238 -8.52 -0.95 9.96
CA LEU A 238 -9.68 -1.59 9.26
C LEU A 238 -11.02 -1.39 9.91
N ASP A 239 -11.02 -0.99 11.17
CA ASP A 239 -12.28 -0.55 11.78
C ASP A 239 -12.77 0.79 11.27
N ILE A 240 -12.00 1.45 10.42
CA ILE A 240 -12.41 2.79 10.00
C ILE A 240 -13.31 2.61 8.80
N ASN A 241 -14.48 3.22 8.80
CA ASN A 241 -15.42 3.04 7.65
C ASN A 241 -15.03 3.69 6.35
N GLU A 242 -14.43 4.86 6.42
CA GLU A 242 -14.09 5.69 5.28
C GLU A 242 -12.89 5.07 4.61
N LYS A 243 -13.08 4.55 3.40
CA LYS A 243 -12.08 3.70 2.78
C LYS A 243 -10.77 4.38 2.49
N THR A 244 -10.85 5.63 2.06
CA THR A 244 -9.61 6.35 1.74
C THR A 244 -8.81 6.65 3.01
N LEU A 245 -9.48 6.91 4.10
CA LEU A 245 -8.81 7.17 5.35
C LEU A 245 -8.16 5.88 5.95
N GLN A 246 -8.85 4.72 5.87
CA GLN A 246 -8.30 3.44 6.26
C GLN A 246 -7.00 3.29 5.49
N GLN A 247 -7.04 3.52 4.21
CA GLN A 247 -5.85 3.27 3.37
C GLN A 247 -4.78 4.31 3.66
N GLY A 248 -5.20 5.51 3.88
CA GLY A 248 -4.30 6.64 4.27
C GLY A 248 -3.48 6.26 5.51
N ILE A 249 -4.12 5.75 6.54
CA ILE A 249 -3.45 5.32 7.76
C ILE A 249 -2.44 4.24 7.49
N GLN A 250 -2.83 3.30 6.67
CA GLN A 250 -1.94 2.27 6.30
C GLN A 250 -0.72 2.80 5.54
N LEU A 251 -0.92 3.71 4.64
CA LEU A 251 0.16 4.23 3.81
C LEU A 251 1.13 5.02 4.69
N ALA A 252 0.63 5.67 5.75
CA ALA A 252 1.55 6.46 6.61
C ALA A 252 2.42 5.58 7.50
N GLN A 253 2.07 4.31 7.73
CA GLN A 253 2.86 3.34 8.45
C GLN A 253 3.65 2.38 7.49
N SER A 254 3.57 2.65 6.20
CA SER A 254 4.44 1.99 5.26
C SER A 254 5.91 2.39 5.50
N ARG A 255 6.83 1.49 5.17
CA ARG A 255 8.27 1.70 5.47
C ARG A 255 8.93 2.10 4.17
N TYR A 256 9.29 3.37 4.03
CA TYR A 256 9.83 3.95 2.82
C TYR A 256 11.36 4.00 2.70
N TRP A 257 11.99 4.12 3.83
CA TRP A 257 13.44 4.34 3.99
C TRP A 257 13.85 3.66 5.26
N GLN A 258 15.06 3.14 5.28
CA GLN A 258 15.66 2.61 6.49
C GLN A 258 16.93 3.37 6.83
N THR A 259 16.98 3.92 8.04
N THR A 259 17.11 3.58 8.12
CA THR A 259 18.26 4.37 8.69
CA THR A 259 18.32 4.19 8.68
C THR A 259 18.56 3.55 10.00
C THR A 259 18.57 3.52 9.99
N GLY A 260 19.65 2.78 10.02
CA GLY A 260 19.89 1.95 11.16
C GLY A 260 18.73 1.00 11.37
N ASP A 261 18.23 0.97 12.63
CA ASP A 261 17.08 0.10 12.95
C ASP A 261 15.77 0.83 12.87
N MET A 262 15.72 2.02 12.28
CA MET A 262 14.45 2.71 12.10
C MET A 262 13.98 2.85 10.67
N TYR A 263 12.67 2.91 10.47
CA TYR A 263 12.08 3.12 9.19
C TYR A 263 11.20 4.33 9.16
N GLN A 264 11.30 5.08 8.13
CA GLN A 264 10.53 6.32 8.05
C GLN A 264 9.21 6.09 7.29
N GLY A 265 8.13 6.39 7.96
CA GLY A 265 6.86 6.50 7.33
C GLY A 265 6.47 7.84 6.85
N LEU A 266 5.17 8.07 6.76
CA LEU A 266 4.66 9.45 6.54
C LEU A 266 4.28 10.02 7.90
N GLY A 267 5.15 10.87 8.50
CA GLY A 267 4.90 11.37 9.86
C GLY A 267 5.42 10.34 10.86
N TRP A 268 4.74 9.21 10.97
CA TRP A 268 5.19 8.14 11.78
C TRP A 268 6.58 7.59 11.46
N GLU A 269 7.28 7.18 12.51
CA GLU A 269 8.52 6.40 12.46
C GLU A 269 8.28 5.05 13.11
N MET A 270 8.96 4.02 12.55
CA MET A 270 8.70 2.68 12.97
C MET A 270 10.01 1.90 13.20
N LEU A 271 9.94 0.94 14.10
CA LEU A 271 11.03 -0.06 14.29
C LEU A 271 10.36 -1.39 14.43
N ASP A 272 11.06 -2.49 14.04
CA ASP A 272 10.52 -3.82 14.43
C ASP A 272 10.38 -4.04 15.90
N TRP A 273 9.27 -4.77 16.28
CA TRP A 273 9.02 -5.12 17.68
C TRP A 273 9.39 -6.59 17.86
N PRO A 274 10.14 -6.92 18.91
CA PRO A 274 10.56 -6.06 19.98
C PRO A 274 11.70 -5.21 19.58
N VAL A 275 11.84 -4.13 20.29
N VAL A 275 11.77 -4.06 20.23
CA VAL A 275 12.79 -3.12 19.95
CA VAL A 275 12.81 -3.08 19.96
C VAL A 275 13.84 -3.15 21.00
C VAL A 275 13.88 -3.24 20.96
N ASN A 276 15.00 -2.62 20.63
CA ASN A 276 16.03 -2.36 21.54
C ASN A 276 15.74 -1.00 22.20
N PRO A 277 15.41 -0.99 23.48
CA PRO A 277 15.03 0.29 24.02
C PRO A 277 16.07 1.30 24.00
N ASP A 278 17.36 0.90 24.10
CA ASP A 278 18.42 1.86 23.96
C ASP A 278 18.33 2.62 22.63
N SER A 279 17.90 1.90 21.57
N SER A 279 17.91 1.94 21.57
CA SER A 279 17.83 2.46 20.21
CA SER A 279 17.94 2.58 20.27
C SER A 279 16.89 3.64 20.18
C SER A 279 16.87 3.67 20.14
N ILE A 280 15.67 3.42 20.68
CA ILE A 280 14.64 4.41 20.61
C ILE A 280 14.91 5.45 21.69
N ILE A 281 15.40 5.07 22.88
CA ILE A 281 15.64 6.11 23.90
C ILE A 281 16.73 7.06 23.45
N ASN A 282 17.90 6.50 23.10
CA ASN A 282 19.03 7.34 22.73
C ASN A 282 18.81 8.01 21.38
N GLY A 283 18.10 7.32 20.49
CA GLY A 283 17.75 7.88 19.16
C GLY A 283 16.87 9.08 19.22
N SER A 284 16.16 9.26 20.36
CA SER A 284 15.32 10.41 20.49
C SER A 284 15.97 11.67 21.01
N ASP A 285 17.21 11.56 21.45
CA ASP A 285 17.92 12.74 21.87
C ASP A 285 18.05 13.62 20.66
N ASN A 286 17.72 14.91 20.90
CA ASN A 286 17.67 15.96 19.84
C ASN A 286 18.98 15.91 19.06
N LYS A 287 20.10 15.55 19.70
CA LYS A 287 21.40 15.43 18.95
C LYS A 287 21.45 14.40 17.87
N ILE A 288 20.78 13.31 18.10
CA ILE A 288 20.79 12.21 17.12
C ILE A 288 19.61 12.41 16.18
N ALA A 289 18.48 12.72 16.79
CA ALA A 289 17.22 12.84 16.06
C ALA A 289 17.30 13.95 15.00
N LEU A 290 18.07 15.01 15.23
CA LEU A 290 18.23 16.07 14.22
C LEU A 290 19.42 15.94 13.32
N ALA A 291 20.17 14.87 13.44
CA ALA A 291 21.38 14.75 12.61
C ALA A 291 21.08 14.09 11.28
N ALA A 292 21.80 14.45 10.24
CA ALA A 292 21.70 13.68 8.98
C ALA A 292 22.17 12.29 9.09
N ARG A 293 21.41 11.36 8.45
N ARG A 293 21.40 11.33 8.51
CA ARG A 293 21.78 9.96 8.47
CA ARG A 293 21.86 9.94 8.43
C ARG A 293 21.48 9.40 7.08
C ARG A 293 21.53 9.43 7.06
N PRO A 294 22.35 8.52 6.54
CA PRO A 294 22.13 7.95 5.22
C PRO A 294 20.92 6.99 5.23
N VAL A 295 20.15 7.05 4.17
CA VAL A 295 18.95 6.15 4.01
C VAL A 295 19.19 5.13 2.94
N LYS A 296 18.59 3.95 3.14
CA LYS A 296 18.46 2.94 2.08
C LYS A 296 16.99 2.98 1.70
N ALA A 297 16.73 3.09 0.42
CA ALA A 297 15.42 3.03 -0.16
C ALA A 297 14.89 1.62 0.03
N ILE A 298 13.64 1.56 0.40
CA ILE A 298 12.95 0.30 0.55
C ILE A 298 12.05 0.24 -0.69
N THR A 299 12.52 -0.60 -1.66
CA THR A 299 12.07 -0.58 -3.03
C THR A 299 11.37 -1.90 -3.39
N PRO A 300 10.02 -1.96 -3.27
CA PRO A 300 9.04 -0.94 -2.95
C PRO A 300 8.86 -0.86 -1.42
N PRO A 301 8.09 0.11 -0.97
CA PRO A 301 7.91 0.25 0.49
C PRO A 301 7.19 -0.91 1.10
N THR A 302 7.58 -1.32 2.27
CA THR A 302 6.95 -2.41 2.95
C THR A 302 5.62 -1.93 3.55
N PRO A 303 4.52 -2.63 3.32
CA PRO A 303 3.28 -2.24 3.93
C PRO A 303 3.41 -2.33 5.43
N ALA A 304 2.51 -1.60 6.06
CA ALA A 304 2.44 -1.57 7.51
C ALA A 304 2.67 -2.88 8.24
N VAL A 305 3.73 -2.95 9.00
CA VAL A 305 4.10 -4.12 9.78
C VAL A 305 3.40 -4.12 11.12
N ARG A 306 2.55 -5.13 11.38
CA ARG A 306 1.93 -5.19 12.71
C ARG A 306 2.86 -5.28 13.85
N ALA A 307 3.97 -6.06 13.76
CA ALA A 307 4.90 -6.20 14.85
C ALA A 307 5.96 -5.04 14.82
N SER A 308 5.45 -3.82 15.06
CA SER A 308 6.28 -2.58 15.02
C SER A 308 6.04 -1.81 16.24
N TRP A 309 7.05 -1.07 16.61
CA TRP A 309 6.96 0.02 17.59
C TRP A 309 6.83 1.23 16.66
N VAL A 310 5.68 1.89 16.73
CA VAL A 310 5.36 3.02 15.84
C VAL A 310 5.24 4.27 16.72
N HIS A 311 5.98 5.33 16.41
CA HIS A 311 5.99 6.39 17.41
C HIS A 311 6.33 7.76 16.76
N LYS A 312 6.15 8.80 17.56
CA LYS A 312 6.51 10.16 17.20
C LYS A 312 6.63 11.01 18.50
N THR A 313 7.73 11.76 18.56
CA THR A 313 7.94 12.85 19.55
C THR A 313 7.52 14.21 19.01
N GLY A 314 7.14 15.09 19.95
CA GLY A 314 6.81 16.42 19.59
C GLY A 314 7.10 17.42 20.69
N ALA A 315 7.49 18.59 20.29
CA ALA A 315 7.66 19.71 21.25
C ALA A 315 7.29 21.03 20.68
N THR A 316 6.83 21.93 21.54
CA THR A 316 6.79 23.31 21.22
C THR A 316 7.56 23.99 22.38
N GLY A 317 7.63 25.30 22.32
CA GLY A 317 8.42 25.92 23.36
C GLY A 317 7.95 25.56 24.76
N GLY A 318 6.65 25.34 24.88
CA GLY A 318 6.04 25.10 26.18
C GLY A 318 5.45 23.71 26.47
N PHE A 319 5.57 22.81 25.49
CA PHE A 319 4.90 21.56 25.59
C PHE A 319 5.80 20.40 25.09
N GLY A 320 5.58 19.22 25.60
CA GLY A 320 6.24 18.00 25.16
C GLY A 320 5.22 16.89 25.07
N SER A 321 5.22 16.20 23.88
CA SER A 321 4.28 15.18 23.61
C SER A 321 5.01 13.90 23.12
N TYR A 322 4.36 12.74 23.32
CA TYR A 322 4.87 11.48 22.80
C TYR A 322 3.73 10.52 22.56
N VAL A 323 3.82 9.79 21.47
CA VAL A 323 2.85 8.78 21.17
C VAL A 323 3.62 7.58 20.70
N ALA A 324 3.25 6.43 21.23
CA ALA A 324 3.88 5.15 20.71
C ALA A 324 2.85 4.04 20.69
N PHE A 325 2.95 3.12 19.75
CA PHE A 325 2.00 1.97 19.76
C PHE A 325 2.55 0.79 19.04
N ILE A 326 1.93 -0.38 19.34
CA ILE A 326 2.37 -1.65 18.81
C ILE A 326 1.18 -2.36 18.29
N PRO A 327 1.01 -2.34 16.97
CA PRO A 327 -0.28 -2.83 16.46
C PRO A 327 -0.54 -4.30 16.76
N GLU A 328 0.49 -5.11 16.72
CA GLU A 328 0.25 -6.57 17.02
C GLU A 328 -0.25 -6.83 18.45
N LYS A 329 0.06 -5.92 19.38
CA LYS A 329 -0.32 -6.07 20.76
C LYS A 329 -1.52 -5.27 21.18
N GLU A 330 -2.10 -4.48 20.30
CA GLU A 330 -3.23 -3.63 20.56
C GLU A 330 -2.94 -2.75 21.74
N LEU A 331 -1.72 -2.18 21.75
CA LEU A 331 -1.20 -1.52 22.92
C LEU A 331 -0.58 -0.16 22.47
N GLY A 332 -0.85 0.86 23.25
CA GLY A 332 -0.29 2.17 22.94
C GLY A 332 -0.30 3.08 24.09
N ILE A 333 0.36 4.20 23.89
CA ILE A 333 0.42 5.23 24.93
C ILE A 333 0.52 6.59 24.31
N VAL A 334 -0.12 7.55 24.99
CA VAL A 334 -0.03 8.99 24.68
C VAL A 334 0.39 9.70 25.93
N MET A 335 1.40 10.55 25.82
CA MET A 335 1.91 11.34 26.93
C MET A 335 1.96 12.85 26.51
N LEU A 336 1.12 13.65 27.14
CA LEU A 336 0.94 15.06 26.88
C LEU A 336 1.24 15.89 28.13
N ALA A 337 2.24 16.74 28.00
CA ALA A 337 2.75 17.62 29.06
C ALA A 337 2.85 19.02 28.63
N ASN A 338 2.64 19.91 29.59
CA ASN A 338 2.79 21.32 29.33
C ASN A 338 4.13 21.84 29.80
N LYS A 339 5.14 21.09 29.48
CA LYS A 339 6.59 21.55 29.51
C LYS A 339 7.31 20.69 28.50
N ASN A 340 8.22 21.29 27.78
CA ASN A 340 9.12 20.57 26.88
C ASN A 340 10.29 19.99 27.64
N TYR A 341 10.22 18.73 27.98
CA TYR A 341 11.24 18.04 28.76
C TYR A 341 11.94 17.02 27.83
N PRO A 342 13.12 16.49 28.21
CA PRO A 342 13.94 15.72 27.25
C PRO A 342 13.23 14.50 26.72
N ASN A 343 13.27 14.37 25.39
CA ASN A 343 12.74 13.19 24.77
C ASN A 343 13.17 11.87 25.35
N PRO A 344 14.47 11.66 25.70
CA PRO A 344 14.75 10.33 26.17
C PRO A 344 13.99 9.90 27.44
N ALA A 345 13.66 10.86 28.30
CA ALA A 345 12.86 10.59 29.49
C ALA A 345 11.47 10.10 29.13
N ARG A 346 10.93 10.68 28.04
CA ARG A 346 9.58 10.32 27.57
C ARG A 346 9.57 8.94 27.06
N VAL A 347 10.55 8.66 26.18
CA VAL A 347 10.56 7.36 25.56
C VAL A 347 10.84 6.22 26.58
N ASP A 348 11.76 6.49 27.50
CA ASP A 348 12.07 5.56 28.61
C ASP A 348 10.83 5.18 29.37
N ALA A 349 10.06 6.20 29.71
CA ALA A 349 8.84 6.00 30.50
C ALA A 349 7.85 5.19 29.69
N ALA A 350 7.66 5.57 28.42
CA ALA A 350 6.75 4.86 27.59
C ALA A 350 7.12 3.41 27.38
N TRP A 351 8.39 3.21 27.19
CA TRP A 351 8.90 1.81 27.04
C TRP A 351 8.66 0.94 28.29
N GLN A 352 9.00 1.50 29.44
N GLN A 352 8.99 1.47 29.44
CA GLN A 352 8.74 0.84 30.74
CA GLN A 352 8.71 0.76 30.69
C GLN A 352 7.29 0.44 30.85
C GLN A 352 7.25 0.37 30.75
N ILE A 353 6.37 1.30 30.40
CA ILE A 353 4.96 1.02 30.56
C ILE A 353 4.55 -0.02 29.56
N LEU A 354 4.85 0.18 28.27
CA LEU A 354 4.36 -0.79 27.31
C LEU A 354 5.05 -2.18 27.43
N ASN A 355 6.32 -2.18 27.81
CA ASN A 355 7.05 -3.44 27.99
C ASN A 355 6.42 -4.20 29.15
N ALA A 356 5.95 -3.49 30.17
CA ALA A 356 5.32 -4.11 31.35
C ALA A 356 4.01 -4.79 30.99
N LEU A 357 3.26 -4.20 30.05
CA LEU A 357 1.92 -4.61 29.70
C LEU A 357 1.77 -5.55 28.53
N GLN A 358 2.81 -5.68 27.73
CA GLN A 358 2.69 -6.51 26.53
C GLN A 358 2.82 -7.93 26.99
N ALA B 1 -30.49 -10.72 -16.99
CA ALA B 1 -29.74 -9.49 -17.37
C ALA B 1 -30.74 -8.39 -17.82
N PRO B 2 -30.44 -7.15 -17.48
CA PRO B 2 -31.10 -6.12 -18.28
C PRO B 2 -30.92 -6.37 -19.77
N GLN B 3 -31.95 -6.00 -20.54
CA GLN B 3 -31.94 -6.22 -21.97
C GLN B 3 -30.76 -5.53 -22.62
N GLN B 4 -30.34 -4.40 -22.10
CA GLN B 4 -29.22 -3.71 -22.64
C GLN B 4 -27.93 -4.53 -22.58
N ILE B 5 -27.72 -5.16 -21.43
CA ILE B 5 -26.54 -6.02 -21.25
C ILE B 5 -26.64 -7.21 -22.14
N ASN B 6 -27.83 -7.83 -22.14
CA ASN B 6 -28.01 -8.94 -23.05
C ASN B 6 -27.62 -8.58 -24.50
N ASP B 7 -28.19 -7.49 -25.02
CA ASP B 7 -27.98 -7.14 -26.37
C ASP B 7 -26.55 -6.78 -26.66
N ILE B 8 -25.91 -5.95 -25.82
CA ILE B 8 -24.50 -5.65 -26.15
C ILE B 8 -23.63 -6.86 -26.13
N VAL B 9 -23.82 -7.73 -25.14
CA VAL B 9 -23.04 -8.94 -25.15
C VAL B 9 -23.27 -9.84 -26.33
N HIS B 10 -24.53 -10.20 -26.63
CA HIS B 10 -24.76 -10.99 -27.79
C HIS B 10 -24.35 -10.41 -29.09
N ARG B 11 -24.56 -9.13 -29.34
N ARG B 11 -24.59 -9.09 -29.27
CA ARG B 11 -24.21 -8.59 -30.64
CA ARG B 11 -24.20 -8.32 -30.47
C ARG B 11 -22.68 -8.42 -30.81
C ARG B 11 -22.73 -8.56 -30.78
N THR B 12 -21.94 -8.53 -29.69
CA THR B 12 -20.47 -8.49 -29.79
C THR B 12 -19.90 -9.92 -29.95
N ILE B 13 -20.35 -10.77 -29.05
CA ILE B 13 -19.72 -12.09 -28.92
C ILE B 13 -20.17 -13.04 -30.02
N THR B 14 -21.41 -12.93 -30.48
CA THR B 14 -21.86 -13.88 -31.55
C THR B 14 -20.99 -13.80 -32.80
N PRO B 15 -20.71 -12.59 -33.31
CA PRO B 15 -19.82 -12.55 -34.46
C PRO B 15 -18.37 -12.95 -34.19
N LEU B 16 -17.90 -12.64 -32.99
CA LEU B 16 -16.55 -13.03 -32.57
C LEU B 16 -16.41 -14.54 -32.66
N ILE B 17 -17.40 -15.29 -32.12
CA ILE B 17 -17.36 -16.75 -32.18
C ILE B 17 -17.36 -17.25 -33.57
N GLU B 18 -18.16 -16.60 -34.45
CA GLU B 18 -18.25 -17.02 -35.82
C GLU B 18 -16.96 -16.75 -36.55
N GLN B 19 -16.40 -15.56 -36.38
CA GLN B 19 -15.17 -15.23 -37.09
C GLN B 19 -13.93 -15.96 -36.67
N GLN B 20 -13.84 -16.31 -35.39
CA GLN B 20 -12.68 -16.96 -34.85
C GLN B 20 -12.87 -18.49 -34.76
N LYS B 21 -14.08 -18.98 -35.08
CA LYS B 21 -14.41 -20.43 -35.02
C LYS B 21 -14.10 -21.02 -33.65
N ILE B 22 -14.59 -20.31 -32.64
CA ILE B 22 -14.43 -20.75 -31.26
C ILE B 22 -15.49 -21.82 -30.99
N PRO B 23 -15.06 -22.95 -30.50
CA PRO B 23 -16.08 -24.01 -30.25
C PRO B 23 -17.02 -23.73 -29.07
N GLY B 24 -16.53 -23.15 -27.99
CA GLY B 24 -17.27 -22.93 -26.71
C GLY B 24 -16.77 -21.67 -26.07
N MET B 25 -17.66 -20.92 -25.47
CA MET B 25 -17.29 -19.68 -24.80
C MET B 25 -18.21 -19.42 -23.66
N ALA B 26 -17.67 -18.81 -22.63
CA ALA B 26 -18.49 -18.30 -21.53
C ALA B 26 -18.06 -16.88 -21.27
N VAL B 27 -19.06 -16.04 -20.95
CA VAL B 27 -18.81 -14.63 -20.66
C VAL B 27 -19.54 -14.25 -19.38
N ALA B 28 -18.91 -13.44 -18.52
CA ALA B 28 -19.62 -12.81 -17.37
C ALA B 28 -19.37 -11.35 -17.51
N VAL B 29 -20.41 -10.58 -17.37
CA VAL B 29 -20.35 -9.14 -17.17
C VAL B 29 -20.70 -8.82 -15.77
N ILE B 30 -19.90 -8.01 -15.11
CA ILE B 30 -20.19 -7.46 -13.79
C ILE B 30 -20.61 -6.00 -14.00
N TYR B 31 -21.87 -5.71 -13.60
CA TYR B 31 -22.49 -4.43 -13.89
C TYR B 31 -23.09 -3.97 -12.61
N GLN B 32 -22.71 -2.74 -12.23
CA GLN B 32 -22.97 -2.22 -10.89
C GLN B 32 -22.76 -3.31 -9.84
N GLY B 33 -21.68 -4.07 -9.99
CA GLY B 33 -21.32 -5.09 -9.02
C GLY B 33 -21.95 -6.46 -9.10
N LYS B 34 -22.95 -6.66 -9.97
CA LYS B 34 -23.74 -7.89 -10.00
C LYS B 34 -23.33 -8.65 -11.28
N PRO B 35 -23.23 -9.97 -11.24
CA PRO B 35 -22.76 -10.71 -12.42
C PRO B 35 -23.90 -11.21 -13.28
N TYR B 36 -23.69 -11.15 -14.58
CA TYR B 36 -24.60 -11.68 -15.57
C TYR B 36 -23.81 -12.60 -16.49
N TYR B 37 -24.34 -13.83 -16.71
CA TYR B 37 -23.67 -14.90 -17.42
C TYR B 37 -24.22 -15.25 -18.74
N PHE B 38 -23.32 -15.69 -19.66
CA PHE B 38 -23.67 -16.01 -21.00
C PHE B 38 -22.80 -17.18 -21.45
N THR B 39 -23.37 -18.18 -22.14
CA THR B 39 -22.65 -19.34 -22.59
C THR B 39 -23.03 -19.69 -24.02
N TRP B 40 -22.10 -20.19 -24.82
CA TRP B 40 -22.32 -20.63 -26.18
C TRP B 40 -21.53 -21.88 -26.45
N GLY B 41 -22.02 -22.77 -27.32
CA GLY B 41 -21.22 -23.78 -27.95
C GLY B 41 -20.82 -24.94 -26.99
N TYR B 42 -19.68 -25.55 -27.32
CA TYR B 42 -19.29 -26.84 -26.80
C TYR B 42 -18.10 -26.83 -25.94
N ALA B 43 -18.20 -27.45 -24.78
CA ALA B 43 -17.06 -27.82 -23.95
C ALA B 43 -16.26 -29.00 -24.48
N ASP B 44 -16.99 -29.97 -25.09
CA ASP B 44 -16.44 -31.25 -25.59
C ASP B 44 -17.22 -31.53 -26.88
N ILE B 45 -16.61 -31.33 -28.04
CA ILE B 45 -17.26 -31.37 -29.32
C ILE B 45 -17.63 -32.82 -29.58
N ALA B 46 -16.73 -33.75 -29.32
CA ALA B 46 -17.04 -35.20 -29.54
C ALA B 46 -18.17 -35.74 -28.68
N LYS B 47 -18.25 -35.36 -27.41
CA LYS B 47 -19.26 -35.86 -26.54
C LYS B 47 -20.47 -34.93 -26.52
N LYS B 48 -20.45 -33.88 -27.36
CA LYS B 48 -21.56 -32.96 -27.53
C LYS B 48 -21.97 -32.31 -26.18
N GLN B 49 -20.98 -32.02 -25.32
CA GLN B 49 -21.23 -31.43 -24.00
C GLN B 49 -21.19 -29.92 -24.18
N PRO B 50 -22.24 -29.21 -23.78
CA PRO B 50 -22.30 -27.81 -23.95
C PRO B 50 -21.46 -27.09 -22.91
N VAL B 51 -21.12 -25.84 -23.18
CA VAL B 51 -20.60 -24.94 -22.15
C VAL B 51 -21.72 -24.55 -21.21
N THR B 52 -21.48 -24.63 -19.90
CA THR B 52 -22.38 -24.19 -18.90
C THR B 52 -21.67 -23.25 -17.98
N GLN B 53 -22.39 -22.77 -16.98
CA GLN B 53 -21.77 -21.90 -15.99
C GLN B 53 -20.85 -22.71 -15.03
N GLN B 54 -20.90 -24.06 -15.10
CA GLN B 54 -20.03 -24.94 -14.35
C GLN B 54 -18.82 -25.50 -15.10
N THR B 55 -18.71 -25.13 -16.37
CA THR B 55 -17.64 -25.58 -17.19
C THR B 55 -16.32 -24.95 -16.70
N LEU B 56 -15.34 -25.81 -16.53
CA LEU B 56 -13.92 -25.35 -16.30
C LEU B 56 -13.21 -25.10 -17.56
N PHE B 57 -12.53 -23.94 -17.56
CA PHE B 57 -11.61 -23.56 -18.63
C PHE B 57 -10.25 -23.33 -18.10
N GLU B 58 -9.23 -23.57 -18.94
CA GLU B 58 -7.87 -23.22 -18.56
C GLU B 58 -7.70 -21.70 -18.67
N LEU B 59 -7.32 -21.04 -17.60
CA LEU B 59 -7.09 -19.60 -17.64
C LEU B 59 -5.79 -19.18 -18.28
N GLY B 60 -4.86 -20.12 -18.40
CA GLY B 60 -3.55 -19.72 -18.88
C GLY B 60 -2.96 -18.59 -18.05
N SER B 61 -2.33 -17.61 -18.70
CA SER B 61 -1.61 -16.60 -17.99
C SER B 61 -2.45 -15.67 -17.12
N VAL B 62 -3.79 -15.76 -17.22
CA VAL B 62 -4.67 -15.07 -16.21
C VAL B 62 -4.37 -15.62 -14.82
N SER B 63 -3.90 -16.86 -14.71
CA SER B 63 -3.39 -17.45 -13.45
C SER B 63 -2.49 -16.50 -12.71
N LYS B 64 -1.71 -15.71 -13.45
CA LYS B 64 -0.78 -14.81 -12.84
C LYS B 64 -1.46 -13.80 -11.86
N THR B 65 -2.72 -13.45 -12.12
CA THR B 65 -3.44 -12.54 -11.25
C THR B 65 -3.61 -13.21 -9.87
N PHE B 66 -3.95 -14.53 -9.83
CA PHE B 66 -3.96 -15.22 -8.58
C PHE B 66 -2.64 -15.31 -7.93
N THR B 67 -1.51 -15.53 -8.70
CA THR B 67 -0.19 -15.59 -8.13
C THR B 67 0.18 -14.24 -7.51
N GLY B 68 -0.16 -13.19 -8.19
CA GLY B 68 0.19 -11.80 -7.76
C GLY B 68 -0.55 -11.46 -6.44
N VAL B 69 -1.81 -11.80 -6.34
CA VAL B 69 -2.61 -11.65 -5.09
C VAL B 69 -2.12 -12.53 -3.97
N LEU B 70 -1.75 -13.76 -4.26
CA LEU B 70 -1.21 -14.62 -3.24
C LEU B 70 0.13 -14.09 -2.71
N GLY B 71 0.97 -13.58 -3.59
CA GLY B 71 2.18 -12.90 -3.15
C GLY B 71 1.81 -11.71 -2.32
N GLY B 72 0.85 -10.92 -2.80
CA GLY B 72 0.46 -9.72 -2.06
C GLY B 72 0.06 -10.12 -0.64
N ASP B 73 -0.73 -11.18 -0.53
CA ASP B 73 -1.15 -11.65 0.79
C ASP B 73 0.01 -12.08 1.68
N ALA B 74 1.04 -12.70 1.10
CA ALA B 74 2.23 -13.13 1.84
C ALA B 74 2.97 -11.83 2.36
N ILE B 75 2.98 -10.78 1.56
CA ILE B 75 3.67 -9.52 1.90
C ILE B 75 2.90 -8.92 3.07
N ALA B 76 1.59 -8.87 2.91
CA ALA B 76 0.69 -8.33 3.98
C ALA B 76 0.80 -9.13 5.27
N ARG B 77 1.01 -10.45 5.22
CA ARG B 77 1.24 -11.25 6.41
C ARG B 77 2.63 -11.01 7.03
N GLY B 78 3.52 -10.27 6.40
CA GLY B 78 4.96 -10.12 6.81
C GLY B 78 5.85 -11.36 6.58
N GLU B 79 5.43 -12.28 5.73
CA GLU B 79 6.22 -13.45 5.45
C GLU B 79 7.37 -13.10 4.47
N ILE B 80 7.08 -12.22 3.50
CA ILE B 80 8.04 -11.79 2.52
C ILE B 80 7.95 -10.27 2.32
N LYS B 81 8.97 -9.69 1.70
CA LYS B 81 8.94 -8.29 1.27
C LYS B 81 9.39 -8.31 -0.22
N LEU B 82 8.75 -7.50 -1.04
CA LEU B 82 9.17 -7.33 -2.44
C LEU B 82 10.55 -6.77 -2.62
N SER B 83 11.03 -6.06 -1.62
CA SER B 83 12.35 -5.48 -1.64
C SER B 83 13.37 -6.52 -1.23
N ASP B 84 13.02 -7.73 -0.82
CA ASP B 84 13.95 -8.81 -0.35
C ASP B 84 14.73 -9.28 -1.66
N PRO B 85 16.01 -9.53 -1.56
CA PRO B 85 16.73 -10.28 -2.59
C PRO B 85 16.14 -11.67 -2.76
N THR B 86 16.16 -12.10 -4.04
CA THR B 86 15.73 -13.41 -4.35
C THR B 86 16.42 -14.46 -3.49
N THR B 87 17.72 -14.29 -3.30
CA THR B 87 18.54 -15.29 -2.58
C THR B 87 18.15 -15.50 -1.10
N LYS B 88 17.45 -14.57 -0.50
CA LYS B 88 16.94 -14.73 0.82
C LYS B 88 16.03 -15.92 0.88
N TYR B 89 15.27 -16.17 -0.19
CA TYR B 89 14.31 -17.23 -0.17
C TYR B 89 14.76 -18.47 -0.96
N TRP B 90 15.94 -18.37 -1.58
CA TRP B 90 16.55 -19.53 -2.27
C TRP B 90 18.06 -19.43 -2.08
N PRO B 91 18.52 -19.88 -0.93
CA PRO B 91 19.94 -19.57 -0.60
C PRO B 91 20.93 -20.32 -1.49
N GLU B 92 20.46 -21.37 -2.15
CA GLU B 92 21.26 -22.15 -3.12
C GLU B 92 21.55 -21.38 -4.39
N LEU B 93 20.80 -20.28 -4.59
CA LEU B 93 20.99 -19.37 -5.72
C LEU B 93 22.16 -18.36 -5.51
N THR B 94 23.37 -18.88 -5.65
CA THR B 94 24.63 -18.21 -5.23
C THR B 94 25.27 -17.45 -6.36
N ALA B 95 24.80 -17.70 -7.59
CA ALA B 95 25.42 -16.99 -8.74
C ALA B 95 25.34 -15.46 -8.65
N LYS B 96 26.45 -14.82 -9.04
CA LYS B 96 26.67 -13.42 -8.84
C LYS B 96 25.69 -12.54 -9.55
N GLN B 97 25.12 -13.04 -10.66
CA GLN B 97 24.19 -12.20 -11.38
C GLN B 97 22.91 -11.99 -10.59
N TRP B 98 22.66 -12.81 -9.56
CA TRP B 98 21.47 -12.64 -8.75
C TRP B 98 21.56 -11.50 -7.74
N ASN B 99 22.77 -10.96 -7.51
CA ASN B 99 22.93 -9.87 -6.53
C ASN B 99 22.19 -8.69 -7.09
N GLY B 100 21.18 -8.20 -6.40
CA GLY B 100 20.50 -7.01 -6.86
C GLY B 100 19.11 -7.36 -7.48
N ILE B 101 18.87 -8.64 -7.71
CA ILE B 101 17.58 -9.07 -8.22
C ILE B 101 16.61 -9.41 -7.02
N THR B 102 15.55 -8.61 -6.93
CA THR B 102 14.62 -8.74 -5.80
C THR B 102 13.36 -9.53 -6.21
N LEU B 103 12.54 -9.82 -5.22
CA LEU B 103 11.24 -10.45 -5.53
C LEU B 103 10.38 -9.54 -6.39
N LEU B 104 10.42 -8.19 -6.21
CA LEU B 104 9.75 -7.25 -7.08
C LEU B 104 10.12 -7.48 -8.59
N HIS B 105 11.42 -7.59 -8.84
CA HIS B 105 11.86 -7.83 -10.19
C HIS B 105 11.27 -9.09 -10.78
N LEU B 106 11.26 -10.15 -10.02
CA LEU B 106 10.68 -11.42 -10.50
C LEU B 106 9.23 -11.25 -10.79
N ALA B 107 8.49 -10.64 -9.86
CA ALA B 107 7.10 -10.49 -10.01
C ALA B 107 6.64 -9.64 -11.18
N THR B 108 7.46 -8.72 -11.68
CA THR B 108 7.12 -7.72 -12.61
C THR B 108 7.93 -7.85 -13.96
N TYR B 109 8.58 -8.99 -14.12
CA TYR B 109 9.32 -9.29 -15.36
C TYR B 109 10.47 -8.35 -15.64
N THR B 110 11.00 -7.76 -14.58
CA THR B 110 12.10 -6.77 -14.75
C THR B 110 13.45 -7.25 -14.20
N ALA B 111 13.70 -8.57 -14.11
CA ALA B 111 14.87 -9.15 -13.47
C ALA B 111 16.11 -9.00 -14.45
N GLY B 112 15.83 -8.68 -15.70
CA GLY B 112 16.88 -8.50 -16.73
C GLY B 112 16.92 -9.52 -17.80
N GLY B 113 15.73 -9.98 -18.18
CA GLY B 113 15.57 -10.83 -19.37
C GLY B 113 15.46 -12.33 -19.12
N LEU B 114 14.82 -12.76 -18.02
CA LEU B 114 14.45 -14.11 -17.85
C LEU B 114 13.50 -14.52 -18.97
N PRO B 115 13.62 -15.77 -19.45
CA PRO B 115 12.89 -16.11 -20.71
C PRO B 115 11.41 -16.41 -20.54
N LEU B 116 10.69 -16.33 -21.64
CA LEU B 116 9.26 -16.42 -21.63
C LEU B 116 8.83 -17.74 -20.96
N GLN B 117 9.48 -18.86 -21.34
CA GLN B 117 9.23 -20.18 -20.80
C GLN B 117 10.42 -20.77 -20.09
N VAL B 118 10.12 -21.53 -19.05
CA VAL B 118 11.08 -22.37 -18.44
C VAL B 118 11.28 -23.50 -19.46
N PRO B 119 12.53 -23.83 -19.74
CA PRO B 119 12.71 -24.86 -20.76
C PRO B 119 12.06 -26.18 -20.42
N ASP B 120 11.55 -26.84 -21.47
CA ASP B 120 10.81 -28.09 -21.36
C ASP B 120 11.68 -29.19 -20.76
N GLU B 121 13.00 -29.06 -20.90
CA GLU B 121 14.00 -29.99 -20.36
C GLU B 121 14.17 -29.88 -18.86
N VAL B 122 13.69 -28.79 -18.29
CA VAL B 122 13.67 -28.70 -16.84
C VAL B 122 12.57 -29.58 -16.25
N LYS B 123 12.98 -30.67 -15.64
CA LYS B 123 12.02 -31.67 -15.21
C LYS B 123 12.08 -31.88 -13.71
N SER B 124 13.10 -31.39 -13.03
CA SER B 124 13.27 -31.64 -11.60
C SER B 124 13.70 -30.37 -10.86
N SER B 125 13.76 -30.47 -9.54
CA SER B 125 14.19 -29.38 -8.71
C SER B 125 15.63 -28.99 -9.00
N SER B 126 16.52 -29.97 -9.15
CA SER B 126 17.92 -29.60 -9.40
C SER B 126 18.07 -29.04 -10.82
N ASP B 127 17.24 -29.48 -11.77
CA ASP B 127 17.27 -28.88 -13.14
C ASP B 127 16.88 -27.39 -13.03
N LEU B 128 15.88 -27.10 -12.21
CA LEU B 128 15.41 -25.71 -12.02
C LEU B 128 16.47 -24.81 -11.42
N LEU B 129 17.18 -25.32 -10.40
CA LEU B 129 18.23 -24.53 -9.79
C LEU B 129 19.28 -24.26 -10.84
N ARG B 130 19.65 -25.33 -11.57
CA ARG B 130 20.67 -25.13 -12.62
C ARG B 130 20.29 -24.08 -13.63
N PHE B 131 19.03 -24.14 -14.08
CA PHE B 131 18.52 -23.16 -15.03
C PHE B 131 18.73 -21.72 -14.55
N TYR B 132 18.25 -21.40 -13.30
CA TYR B 132 18.33 -20.04 -12.83
C TYR B 132 19.77 -19.67 -12.52
N GLN B 133 20.56 -20.61 -12.00
CA GLN B 133 22.00 -20.33 -11.73
C GLN B 133 22.76 -19.94 -12.99
N ASN B 134 22.46 -20.60 -14.07
CA ASN B 134 23.24 -20.43 -15.31
C ASN B 134 22.66 -19.37 -16.25
N TRP B 135 21.44 -18.89 -15.92
CA TRP B 135 20.84 -17.79 -16.71
C TRP B 135 21.68 -16.56 -16.69
N GLN B 136 21.90 -15.99 -17.88
CA GLN B 136 22.67 -14.80 -17.99
C GLN B 136 21.83 -13.57 -18.38
N PRO B 137 21.63 -12.60 -17.45
CA PRO B 137 20.79 -11.47 -17.77
C PRO B 137 21.38 -10.67 -18.90
N ALA B 138 20.55 -10.11 -19.73
CA ALA B 138 20.97 -9.22 -20.78
C ALA B 138 21.07 -7.84 -20.25
N TRP B 139 20.31 -7.57 -19.18
CA TRP B 139 20.16 -6.22 -18.68
C TRP B 139 20.29 -6.17 -17.18
N ALA B 140 20.62 -4.98 -16.69
CA ALA B 140 20.60 -4.78 -15.25
C ALA B 140 19.17 -4.90 -14.73
N PRO B 141 19.02 -5.29 -13.46
CA PRO B 141 17.65 -5.35 -12.96
C PRO B 141 16.94 -4.02 -12.93
N GLY B 142 15.62 -4.05 -13.12
CA GLY B 142 14.80 -2.82 -13.06
C GLY B 142 14.97 -1.86 -14.17
N THR B 143 15.40 -2.34 -15.35
CA THR B 143 15.53 -1.51 -16.50
C THR B 143 14.65 -1.79 -17.72
N GLN B 144 14.36 -3.08 -17.96
CA GLN B 144 13.54 -3.45 -19.07
C GLN B 144 12.58 -4.58 -18.63
N ARG B 145 11.41 -4.50 -19.19
CA ARG B 145 10.37 -5.52 -18.95
C ARG B 145 10.38 -6.49 -20.11
N LEU B 146 10.38 -7.75 -19.78
CA LEU B 146 10.25 -8.86 -20.79
C LEU B 146 9.32 -9.94 -20.13
N TYR B 147 8.09 -9.95 -20.65
CA TYR B 147 7.06 -10.81 -20.10
C TYR B 147 7.62 -12.23 -20.03
N ALA B 148 7.49 -12.91 -18.90
CA ALA B 148 8.21 -14.18 -18.63
C ALA B 148 7.46 -15.03 -17.67
N ASN B 149 7.08 -16.23 -18.10
CA ASN B 149 6.55 -17.17 -17.13
C ASN B 149 7.59 -17.62 -16.12
N SER B 150 8.88 -17.68 -16.50
CA SER B 150 9.94 -18.08 -15.63
C SER B 150 10.23 -17.00 -14.51
N SER B 151 9.75 -15.81 -14.71
CA SER B 151 9.99 -14.69 -13.81
C SER B 151 8.91 -14.76 -12.70
N ILE B 152 7.68 -14.58 -13.14
CA ILE B 152 6.57 -14.54 -12.11
C ILE B 152 6.44 -15.95 -11.55
N GLY B 153 6.75 -17.03 -12.30
CA GLY B 153 6.60 -18.32 -11.71
C GLY B 153 7.55 -18.53 -10.57
N LEU B 154 8.78 -18.05 -10.69
CA LEU B 154 9.72 -18.21 -9.61
C LEU B 154 9.28 -17.34 -8.39
N PHE B 155 8.76 -16.14 -8.70
CA PHE B 155 8.19 -15.33 -7.58
C PHE B 155 7.16 -16.09 -6.81
N GLY B 156 6.23 -16.74 -7.50
CA GLY B 156 5.23 -17.51 -6.86
C GLY B 156 5.75 -18.63 -6.00
N ALA B 157 6.69 -19.39 -6.52
CA ALA B 157 7.27 -20.46 -5.75
C ALA B 157 8.00 -19.97 -4.50
N LEU B 158 8.69 -18.86 -4.62
CA LEU B 158 9.46 -18.30 -3.50
C LEU B 158 8.55 -17.68 -2.44
N ALA B 159 7.49 -17.06 -2.92
CA ALA B 159 6.64 -16.26 -2.05
C ALA B 159 5.99 -17.12 -1.00
N VAL B 160 5.67 -18.40 -1.30
CA VAL B 160 4.99 -19.26 -0.39
C VAL B 160 5.99 -20.00 0.52
N LYS B 161 7.32 -19.84 0.32
CA LYS B 161 8.23 -20.70 1.13
C LYS B 161 8.09 -20.48 2.63
N PRO B 162 8.08 -19.24 3.08
CA PRO B 162 8.04 -19.12 4.51
C PRO B 162 6.85 -19.65 5.20
N SER B 163 5.70 -19.68 4.53
CA SER B 163 4.49 -20.32 5.07
C SER B 163 4.66 -21.82 5.38
N GLY B 164 5.56 -22.48 4.68
CA GLY B 164 5.71 -23.92 4.72
C GLY B 164 4.67 -24.67 3.97
N LEU B 165 3.79 -23.93 3.25
CA LEU B 165 2.76 -24.54 2.44
C LEU B 165 3.28 -24.66 1.02
N SER B 166 2.79 -25.66 0.32
CA SER B 166 3.06 -25.78 -1.12
C SER B 166 2.30 -24.64 -1.77
N PHE B 167 2.73 -24.29 -2.95
CA PHE B 167 1.94 -23.27 -3.72
C PHE B 167 0.47 -23.56 -3.86
N GLU B 168 0.15 -24.76 -4.21
CA GLU B 168 -1.25 -25.14 -4.32
C GLU B 168 -1.99 -25.06 -3.00
N GLN B 169 -1.40 -25.52 -1.90
CA GLN B 169 -2.10 -25.42 -0.61
C GLN B 169 -2.25 -24.00 -0.15
N ALA B 170 -1.26 -23.15 -0.40
CA ALA B 170 -1.35 -21.80 0.01
C ALA B 170 -2.49 -21.08 -0.80
N MET B 171 -2.49 -21.33 -2.10
CA MET B 171 -3.47 -20.74 -2.97
C MET B 171 -4.88 -21.11 -2.55
N GLN B 172 -5.11 -22.38 -2.31
CA GLN B 172 -6.46 -22.84 -1.85
C GLN B 172 -6.87 -22.22 -0.53
N THR B 173 -5.97 -22.24 0.44
CA THR B 173 -6.36 -21.84 1.79
C THR B 173 -6.39 -20.36 1.96
N ARG B 174 -5.57 -19.64 1.20
CA ARG B 174 -5.44 -18.22 1.41
C ARG B 174 -6.13 -17.35 0.40
N VAL B 175 -6.43 -17.88 -0.77
CA VAL B 175 -7.16 -17.10 -1.78
C VAL B 175 -8.48 -17.74 -2.18
N PHE B 176 -8.43 -18.96 -2.69
CA PHE B 176 -9.64 -19.59 -3.21
C PHE B 176 -10.71 -19.76 -2.08
N GLN B 177 -10.37 -20.42 -1.04
CA GLN B 177 -11.37 -20.65 0.08
C GLN B 177 -11.95 -19.39 0.64
N PRO B 178 -11.13 -18.41 1.01
CA PRO B 178 -11.75 -17.24 1.60
C PRO B 178 -12.68 -16.45 0.67
N LEU B 179 -12.39 -16.54 -0.65
CA LEU B 179 -13.19 -15.91 -1.61
C LEU B 179 -14.37 -16.81 -2.17
N LYS B 180 -14.55 -17.95 -1.60
CA LYS B 180 -15.56 -18.91 -2.03
C LYS B 180 -15.46 -19.26 -3.51
N LEU B 181 -14.23 -19.46 -3.97
CA LEU B 181 -13.97 -19.93 -5.34
C LEU B 181 -13.80 -21.39 -5.19
N ASN B 182 -14.95 -22.07 -5.07
CA ASN B 182 -14.98 -23.51 -4.85
C ASN B 182 -14.98 -24.35 -6.06
N HIS B 183 -14.82 -23.77 -7.27
CA HIS B 183 -14.71 -24.52 -8.51
C HIS B 183 -13.55 -23.90 -9.31
N THR B 184 -12.48 -23.64 -8.57
CA THR B 184 -11.27 -23.08 -9.16
C THR B 184 -10.12 -23.94 -8.60
N TRP B 185 -9.23 -24.35 -9.50
CA TRP B 185 -8.33 -25.43 -9.25
C TRP B 185 -6.99 -25.25 -9.92
N ILE B 186 -5.93 -25.67 -9.27
CA ILE B 186 -4.63 -25.80 -9.95
C ILE B 186 -4.55 -27.18 -10.58
N ASN B 187 -5.01 -28.21 -9.85
CA ASN B 187 -5.14 -29.55 -10.40
C ASN B 187 -6.60 -29.94 -10.36
N VAL B 188 -7.19 -30.19 -11.52
CA VAL B 188 -8.62 -30.49 -11.58
C VAL B 188 -8.86 -31.84 -10.86
N PRO B 189 -9.71 -31.81 -9.86
CA PRO B 189 -9.95 -33.04 -9.09
C PRO B 189 -10.87 -33.95 -9.91
N PRO B 190 -10.77 -35.26 -9.65
CA PRO B 190 -11.61 -36.18 -10.36
C PRO B 190 -13.10 -35.85 -10.29
N ALA B 191 -13.56 -35.29 -9.18
CA ALA B 191 -14.95 -34.95 -9.03
C ALA B 191 -15.42 -33.91 -10.07
N GLU B 192 -14.48 -33.10 -10.58
CA GLU B 192 -14.79 -32.08 -11.54
C GLU B 192 -14.38 -32.38 -12.93
N GLU B 193 -13.81 -33.53 -13.20
CA GLU B 193 -13.33 -33.86 -14.57
C GLU B 193 -14.45 -33.81 -15.64
N LYS B 194 -15.68 -34.14 -15.30
CA LYS B 194 -16.77 -34.14 -16.26
C LYS B 194 -17.08 -32.67 -16.68
N ASN B 195 -16.65 -31.66 -15.90
CA ASN B 195 -16.96 -30.25 -16.22
C ASN B 195 -15.74 -29.60 -16.91
N TYR B 196 -14.65 -30.31 -17.01
CA TYR B 196 -13.38 -29.78 -17.59
C TYR B 196 -13.47 -29.74 -19.10
N ALA B 197 -13.69 -28.57 -19.69
CA ALA B 197 -13.67 -28.45 -21.15
C ALA B 197 -12.41 -28.93 -21.79
N TRP B 198 -12.51 -29.44 -23.01
CA TRP B 198 -11.34 -29.64 -23.88
C TRP B 198 -10.98 -28.38 -24.55
N GLY B 199 -9.67 -28.14 -24.68
CA GLY B 199 -9.25 -27.07 -25.53
C GLY B 199 -9.10 -27.55 -26.96
N TYR B 200 -9.11 -26.69 -27.93
CA TYR B 200 -9.05 -27.10 -29.37
C TYR B 200 -7.88 -26.33 -30.03
N ARG B 201 -6.95 -27.09 -30.57
CA ARG B 201 -5.81 -26.50 -31.30
C ARG B 201 -5.70 -27.27 -32.61
N GLU B 202 -5.90 -26.54 -33.71
CA GLU B 202 -5.99 -27.11 -35.04
C GLU B 202 -6.95 -28.29 -35.07
N GLY B 203 -8.09 -28.14 -34.43
CA GLY B 203 -9.11 -29.19 -34.42
C GLY B 203 -8.92 -30.34 -33.46
N LYS B 204 -7.80 -30.41 -32.78
CA LYS B 204 -7.51 -31.48 -31.85
C LYS B 204 -7.89 -31.02 -30.44
N ALA B 205 -8.55 -31.89 -29.69
CA ALA B 205 -8.80 -31.72 -28.26
C ALA B 205 -7.52 -31.87 -27.44
N VAL B 206 -7.20 -30.85 -26.59
CA VAL B 206 -6.00 -30.81 -25.88
C VAL B 206 -6.20 -30.16 -24.48
N HIS B 207 -5.43 -30.62 -23.53
CA HIS B 207 -5.31 -29.99 -22.25
C HIS B 207 -3.86 -29.53 -22.07
N VAL B 208 -3.67 -28.57 -21.19
CA VAL B 208 -2.30 -28.14 -20.88
C VAL B 208 -1.45 -29.24 -20.28
N SER B 209 -0.18 -29.28 -20.74
CA SER B 209 0.77 -30.29 -20.25
C SER B 209 1.45 -29.81 -18.96
N PRO B 210 1.85 -30.76 -18.15
CA PRO B 210 2.62 -30.48 -16.95
C PRO B 210 3.89 -29.78 -17.35
N GLY B 211 4.34 -28.80 -16.55
CA GLY B 211 5.60 -28.12 -16.83
C GLY B 211 6.11 -27.47 -15.58
N ALA B 212 7.42 -27.17 -15.55
CA ALA B 212 7.99 -26.54 -14.33
C ALA B 212 7.37 -25.14 -14.14
N LEU B 213 7.01 -24.90 -12.88
CA LEU B 213 6.35 -23.68 -12.49
C LEU B 213 5.06 -23.39 -13.22
N ASP B 214 4.33 -24.45 -13.66
CA ASP B 214 3.12 -24.27 -14.33
C ASP B 214 2.03 -23.65 -13.41
N ALA B 215 1.94 -24.15 -12.22
CA ALA B 215 0.89 -23.70 -11.27
C ALA B 215 0.93 -22.20 -11.11
N GLU B 216 2.17 -21.74 -10.96
CA GLU B 216 2.41 -20.29 -10.64
C GLU B 216 2.23 -19.31 -11.79
N ALA B 217 2.47 -19.79 -13.03
CA ALA B 217 2.42 -18.97 -14.22
C ALA B 217 1.14 -19.15 -15.04
N TYR B 218 0.62 -20.38 -15.16
CA TYR B 218 -0.40 -20.57 -16.15
C TYR B 218 -1.34 -21.74 -15.85
N GLY B 219 -1.34 -22.20 -14.64
CA GLY B 219 -2.02 -23.44 -14.33
C GLY B 219 -3.40 -23.46 -13.70
N VAL B 220 -4.04 -22.36 -13.50
CA VAL B 220 -5.37 -22.33 -12.87
C VAL B 220 -6.46 -22.68 -13.90
N LYS B 221 -7.47 -23.45 -13.46
CA LYS B 221 -8.66 -23.75 -14.22
C LYS B 221 -9.84 -23.25 -13.42
N SER B 222 -10.84 -22.62 -14.04
CA SER B 222 -11.96 -22.08 -13.29
C SER B 222 -13.20 -21.96 -14.16
N THR B 223 -14.33 -21.73 -13.49
CA THR B 223 -15.62 -21.60 -14.14
C THR B 223 -15.91 -20.14 -14.34
N ILE B 224 -16.91 -19.84 -15.14
CA ILE B 224 -17.27 -18.45 -15.39
C ILE B 224 -17.85 -17.81 -14.10
N GLU B 225 -18.53 -18.58 -13.27
CA GLU B 225 -19.04 -18.03 -12.05
C GLU B 225 -17.96 -17.65 -11.07
N ASP B 226 -16.96 -18.53 -10.90
CA ASP B 226 -15.89 -18.24 -9.97
C ASP B 226 -15.10 -17.04 -10.51
N MET B 227 -14.90 -17.00 -11.82
CA MET B 227 -14.11 -15.89 -12.33
C MET B 227 -14.86 -14.59 -12.15
N ALA B 228 -16.19 -14.59 -12.31
CA ALA B 228 -16.95 -13.37 -11.97
C ALA B 228 -16.78 -12.99 -10.50
N ARG B 229 -16.75 -13.97 -9.62
N ARG B 229 -16.75 -13.95 -9.59
CA ARG B 229 -16.47 -13.71 -8.20
CA ARG B 229 -16.47 -13.64 -8.17
C ARG B 229 -15.07 -13.11 -7.96
C ARG B 229 -15.06 -13.07 -7.96
N TRP B 230 -14.12 -13.61 -8.73
CA TRP B 230 -12.72 -13.06 -8.72
C TRP B 230 -12.71 -11.62 -9.17
N VAL B 231 -13.44 -11.26 -10.23
CA VAL B 231 -13.53 -9.86 -10.70
C VAL B 231 -14.19 -9.06 -9.55
N GLN B 232 -15.30 -9.54 -9.02
CA GLN B 232 -15.95 -8.79 -7.91
C GLN B 232 -15.04 -8.49 -6.77
N SER B 233 -14.20 -9.43 -6.37
CA SER B 233 -13.22 -9.30 -5.29
C SER B 233 -12.15 -8.27 -5.61
N ASN B 234 -11.68 -8.23 -6.86
CA ASN B 234 -10.69 -7.29 -7.27
C ASN B 234 -11.26 -5.90 -7.54
N LEU B 235 -12.57 -5.81 -7.81
CA LEU B 235 -13.24 -4.56 -7.94
C LEU B 235 -13.38 -3.85 -6.61
N LYS B 236 -13.68 -4.64 -5.57
CA LYS B 236 -14.02 -4.12 -4.21
C LYS B 236 -13.27 -4.85 -3.11
N PRO B 237 -11.97 -4.68 -3.07
CA PRO B 237 -11.16 -5.49 -2.14
C PRO B 237 -11.53 -5.19 -0.68
N LEU B 238 -11.93 -3.95 -0.45
CA LEU B 238 -12.22 -3.52 0.92
C LEU B 238 -13.44 -4.21 1.51
N ASP B 239 -14.26 -4.89 0.70
CA ASP B 239 -15.33 -5.74 1.22
C ASP B 239 -14.91 -7.13 1.68
N ILE B 240 -13.68 -7.52 1.42
CA ILE B 240 -13.26 -8.87 1.77
C ILE B 240 -12.95 -8.82 3.23
N ASN B 241 -13.33 -9.85 3.96
CA ASN B 241 -13.20 -9.81 5.42
C ASN B 241 -11.79 -10.17 5.89
N GLU B 242 -11.09 -11.00 5.11
CA GLU B 242 -9.72 -11.40 5.46
C GLU B 242 -8.76 -10.27 5.25
N LYS B 243 -8.19 -9.76 6.36
CA LYS B 243 -7.38 -8.53 6.29
C LYS B 243 -6.23 -8.57 5.27
N THR B 244 -5.45 -9.61 5.41
CA THR B 244 -4.19 -9.69 4.58
C THR B 244 -4.59 -9.87 3.14
N LEU B 245 -5.68 -10.58 2.89
CA LEU B 245 -6.10 -10.83 1.52
C LEU B 245 -6.57 -9.52 0.84
N GLN B 246 -7.37 -8.72 1.55
CA GLN B 246 -7.81 -7.44 1.13
C GLN B 246 -6.60 -6.57 0.77
N GLN B 247 -5.52 -6.62 1.58
CA GLN B 247 -4.39 -5.86 1.28
C GLN B 247 -3.60 -6.44 0.11
N GLY B 248 -3.58 -7.76 0.00
CA GLY B 248 -2.79 -8.39 -1.11
C GLY B 248 -3.46 -8.03 -2.43
N ILE B 249 -4.79 -8.03 -2.52
CA ILE B 249 -5.47 -7.52 -3.70
C ILE B 249 -5.07 -6.12 -4.07
N GLN B 250 -5.05 -5.24 -3.07
CA GLN B 250 -4.59 -3.92 -3.34
C GLN B 250 -3.18 -3.84 -3.83
N LEU B 251 -2.30 -4.62 -3.26
CA LEU B 251 -0.90 -4.57 -3.62
C LEU B 251 -0.72 -5.08 -5.04
N ALA B 252 -1.54 -6.04 -5.44
CA ALA B 252 -1.39 -6.55 -6.83
C ALA B 252 -1.84 -5.59 -7.88
N GLN B 253 -2.67 -4.62 -7.52
CA GLN B 253 -3.10 -3.54 -8.43
C GLN B 253 -2.35 -2.18 -8.25
N SER B 254 -1.33 -2.24 -7.46
CA SER B 254 -0.40 -1.08 -7.34
C SER B 254 0.42 -0.96 -8.63
N ARG B 255 0.83 0.25 -9.01
CA ARG B 255 1.59 0.48 -10.24
C ARG B 255 3.10 0.57 -9.92
N TYR B 256 3.84 -0.43 -10.33
CA TYR B 256 5.28 -0.57 -10.06
C TYR B 256 6.19 0.03 -11.13
N TRP B 257 5.80 -0.11 -12.38
CA TRP B 257 6.58 0.26 -13.52
C TRP B 257 5.65 0.81 -14.56
N GLN B 258 6.15 1.73 -15.38
CA GLN B 258 5.43 2.19 -16.55
C GLN B 258 6.18 1.95 -17.86
N THR B 259 5.49 1.43 -18.84
CA THR B 259 6.01 1.35 -20.27
C THR B 259 4.86 1.90 -21.14
N GLY B 260 5.05 3.03 -21.77
CA GLY B 260 4.01 3.73 -22.51
C GLY B 260 2.85 4.08 -21.60
N ASP B 261 1.65 3.68 -22.01
CA ASP B 261 0.40 3.93 -21.33
C ASP B 261 0.09 2.83 -20.26
N MET B 262 0.89 1.79 -20.22
CA MET B 262 0.69 0.64 -19.36
C MET B 262 1.53 0.65 -18.10
N TYR B 263 0.91 0.28 -16.99
CA TYR B 263 1.52 0.09 -15.72
C TYR B 263 1.50 -1.37 -15.35
N GLN B 264 2.54 -1.83 -14.76
CA GLN B 264 2.69 -3.23 -14.32
C GLN B 264 2.39 -3.36 -12.86
N GLY B 265 1.41 -4.23 -12.58
CA GLY B 265 1.11 -4.65 -11.23
C GLY B 265 1.74 -6.00 -10.87
N LEU B 266 1.17 -6.73 -9.87
CA LEU B 266 1.57 -8.04 -9.59
C LEU B 266 0.52 -8.91 -10.32
N GLY B 267 0.92 -9.44 -11.49
CA GLY B 267 -0.04 -10.18 -12.32
C GLY B 267 -0.91 -9.30 -13.17
N TRP B 268 -1.73 -8.48 -12.54
CA TRP B 268 -2.51 -7.50 -13.26
C TRP B 268 -1.62 -6.50 -13.97
N GLU B 269 -2.17 -6.00 -15.09
CA GLU B 269 -1.64 -4.83 -15.78
C GLU B 269 -2.73 -3.73 -15.83
N MET B 270 -2.34 -2.46 -15.82
CA MET B 270 -3.30 -1.42 -15.74
C MET B 270 -3.04 -0.29 -16.66
N LEU B 271 -4.11 0.35 -17.09
CA LEU B 271 -4.03 1.67 -17.83
C LEU B 271 -4.94 2.66 -17.15
N ASP B 272 -4.56 3.96 -17.17
CA ASP B 272 -5.54 4.98 -16.77
C ASP B 272 -6.84 4.91 -17.56
N TRP B 273 -7.95 5.05 -16.82
CA TRP B 273 -9.28 5.08 -17.41
C TRP B 273 -9.73 6.59 -17.37
N PRO B 274 -10.27 7.09 -18.49
CA PRO B 274 -10.57 6.32 -19.70
C PRO B 274 -9.38 6.06 -20.54
N VAL B 275 -9.53 5.04 -21.32
CA VAL B 275 -8.42 4.42 -21.91
C VAL B 275 -8.64 4.65 -23.34
N ASN B 276 -7.57 4.80 -24.07
CA ASN B 276 -7.70 4.81 -25.51
C ASN B 276 -7.71 3.36 -26.00
N PRO B 277 -8.79 2.94 -26.65
CA PRO B 277 -8.96 1.54 -27.04
C PRO B 277 -7.89 1.01 -28.01
N ASP B 278 -7.35 1.87 -28.87
CA ASP B 278 -6.18 1.45 -29.67
C ASP B 278 -4.93 1.12 -28.82
N SER B 279 -4.77 1.76 -27.65
CA SER B 279 -3.70 1.42 -26.67
C SER B 279 -3.80 -0.04 -26.21
N ILE B 280 -4.98 -0.42 -25.79
CA ILE B 280 -5.18 -1.77 -25.23
C ILE B 280 -5.37 -2.87 -26.32
N ILE B 281 -6.00 -2.51 -27.44
CA ILE B 281 -6.34 -3.46 -28.46
C ILE B 281 -5.06 -3.90 -29.09
N ASN B 282 -4.35 -2.95 -29.70
CA ASN B 282 -3.03 -3.25 -30.30
C ASN B 282 -1.97 -3.71 -29.26
N GLY B 283 -2.01 -3.15 -28.03
CA GLY B 283 -1.04 -3.52 -26.99
C GLY B 283 -1.10 -5.02 -26.59
N SER B 284 -2.31 -5.60 -26.75
CA SER B 284 -2.57 -7.02 -26.39
C SER B 284 -1.92 -8.02 -27.38
N ASP B 285 -1.70 -7.58 -28.64
CA ASP B 285 -1.00 -8.38 -29.65
C ASP B 285 0.34 -8.87 -29.06
N ASN B 286 0.61 -10.15 -29.26
CA ASN B 286 1.81 -10.82 -28.69
C ASN B 286 3.20 -10.33 -29.17
N LYS B 287 3.33 -9.82 -30.42
CA LYS B 287 4.59 -9.13 -30.80
C LYS B 287 4.84 -7.87 -29.91
N ILE B 288 3.76 -7.22 -29.37
CA ILE B 288 3.86 -6.05 -28.44
C ILE B 288 3.93 -6.50 -26.97
N ALA B 289 2.99 -7.37 -26.61
CA ALA B 289 2.93 -8.01 -25.31
C ALA B 289 4.28 -8.59 -24.80
N LEU B 290 4.98 -9.28 -25.72
CA LEU B 290 6.21 -10.07 -25.43
C LEU B 290 7.56 -9.35 -25.81
N ALA B 291 7.49 -8.14 -26.37
CA ALA B 291 8.68 -7.39 -26.71
C ALA B 291 9.50 -7.02 -25.48
N ALA B 292 10.77 -6.69 -25.67
CA ALA B 292 11.59 -6.06 -24.64
C ALA B 292 11.30 -4.61 -24.63
N ARG B 293 10.85 -4.04 -23.49
CA ARG B 293 10.43 -2.67 -23.40
C ARG B 293 11.09 -2.00 -22.21
N PRO B 294 11.69 -0.82 -22.39
CA PRO B 294 12.27 -0.10 -21.29
C PRO B 294 11.19 0.31 -20.33
N VAL B 295 11.46 0.20 -19.07
CA VAL B 295 10.49 0.64 -18.04
C VAL B 295 11.03 1.80 -17.18
N LYS B 296 10.09 2.61 -16.67
CA LYS B 296 10.31 3.67 -15.72
C LYS B 296 9.82 3.20 -14.40
N ALA B 297 10.63 3.25 -13.32
CA ALA B 297 10.19 2.83 -12.01
C ALA B 297 9.26 3.91 -11.52
N ILE B 298 8.16 3.48 -10.93
N ILE B 298 8.24 3.45 -10.84
CA ILE B 298 7.24 4.32 -10.23
CA ILE B 298 7.30 4.28 -10.19
C ILE B 298 7.61 4.29 -8.73
C ILE B 298 7.75 4.23 -8.72
N THR B 299 8.28 5.37 -8.27
CA THR B 299 9.02 5.43 -7.03
C THR B 299 8.39 6.45 -6.05
N PRO B 300 7.64 5.99 -5.11
CA PRO B 300 7.25 4.61 -4.82
C PRO B 300 6.01 4.22 -5.62
N PRO B 301 5.71 2.92 -5.60
CA PRO B 301 4.54 2.49 -6.43
C PRO B 301 3.26 3.17 -6.04
N THR B 302 2.44 3.46 -7.02
CA THR B 302 1.15 4.10 -6.81
C THR B 302 0.18 3.03 -6.31
N PRO B 303 -0.50 3.25 -5.15
CA PRO B 303 -1.52 2.34 -4.75
C PRO B 303 -2.62 2.26 -5.76
N ALA B 304 -3.29 1.11 -5.70
CA ALA B 304 -4.35 0.85 -6.62
C ALA B 304 -5.27 2.05 -6.94
N VAL B 305 -5.22 2.47 -8.16
CA VAL B 305 -5.97 3.62 -8.70
C VAL B 305 -7.38 3.18 -9.19
N ARG B 306 -8.43 3.70 -8.58
CA ARG B 306 -9.77 3.27 -8.99
C ARG B 306 -10.15 3.59 -10.41
N ALA B 307 -9.61 4.69 -10.94
CA ALA B 307 -9.81 5.13 -12.33
C ALA B 307 -8.83 4.41 -13.25
N SER B 308 -8.95 3.08 -13.30
CA SER B 308 -8.02 2.26 -14.11
C SER B 308 -8.81 1.25 -14.94
N TRP B 309 -8.28 0.90 -16.11
CA TRP B 309 -8.65 -0.33 -16.85
C TRP B 309 -7.63 -1.39 -16.35
N VAL B 310 -8.08 -2.36 -15.62
CA VAL B 310 -7.21 -3.36 -15.03
C VAL B 310 -7.49 -4.64 -15.82
N HIS B 311 -6.43 -5.30 -16.31
CA HIS B 311 -6.75 -6.43 -17.19
C HIS B 311 -5.63 -7.45 -17.22
N LYS B 312 -5.94 -8.62 -17.77
CA LYS B 312 -4.94 -9.62 -18.04
C LYS B 312 -5.49 -10.56 -19.12
N THR B 313 -4.61 -10.84 -20.08
CA THR B 313 -4.86 -11.92 -21.07
C THR B 313 -4.21 -13.24 -20.74
N GLY B 314 -4.72 -14.35 -21.30
CA GLY B 314 -4.04 -15.59 -21.03
C GLY B 314 -4.35 -16.55 -22.15
N ALA B 315 -3.44 -17.47 -22.41
CA ALA B 315 -3.69 -18.56 -23.33
C ALA B 315 -2.93 -19.78 -22.93
N THR B 316 -3.50 -20.95 -23.30
CA THR B 316 -2.80 -22.18 -23.33
C THR B 316 -2.88 -22.65 -24.81
N GLY B 317 -2.37 -23.82 -25.07
CA GLY B 317 -2.47 -24.29 -26.43
C GLY B 317 -3.89 -24.39 -26.99
N GLY B 318 -4.83 -24.68 -26.09
CA GLY B 318 -6.21 -24.88 -26.50
C GLY B 318 -7.24 -23.88 -25.97
N PHE B 319 -6.79 -22.82 -25.24
CA PHE B 319 -7.74 -21.94 -24.61
C PHE B 319 -7.23 -20.52 -24.74
N GLY B 320 -8.19 -19.58 -24.67
CA GLY B 320 -7.95 -18.15 -24.70
C GLY B 320 -8.85 -17.49 -23.69
N SER B 321 -8.26 -16.68 -22.82
N SER B 321 -8.24 -16.74 -22.77
CA SER B 321 -9.03 -16.00 -21.79
CA SER B 321 -8.95 -16.05 -21.69
C SER B 321 -8.70 -14.51 -21.71
C SER B 321 -8.64 -14.55 -21.59
N TYR B 322 -9.61 -13.77 -21.08
CA TYR B 322 -9.40 -12.32 -20.89
C TYR B 322 -10.25 -11.90 -19.73
N VAL B 323 -9.70 -11.04 -18.92
CA VAL B 323 -10.43 -10.38 -17.82
C VAL B 323 -10.06 -8.91 -17.82
N ALA B 324 -11.08 -8.05 -17.66
CA ALA B 324 -10.83 -6.57 -17.55
C ALA B 324 -11.86 -5.99 -16.61
N PHE B 325 -11.46 -4.99 -15.84
CA PHE B 325 -12.44 -4.36 -14.97
C PHE B 325 -12.01 -2.93 -14.72
N ILE B 326 -13.02 -2.16 -14.28
CA ILE B 326 -12.82 -0.72 -14.06
C ILE B 326 -13.38 -0.40 -12.63
N PRO B 327 -12.52 -0.29 -11.63
CA PRO B 327 -13.06 -0.20 -10.27
C PRO B 327 -13.96 1.02 -10.07
N GLU B 328 -13.59 2.13 -10.65
CA GLU B 328 -14.37 3.41 -10.50
C GLU B 328 -15.84 3.21 -10.95
N LYS B 329 -16.08 2.32 -11.91
CA LYS B 329 -17.38 2.13 -12.55
C LYS B 329 -18.08 0.87 -12.10
N GLU B 330 -17.45 0.09 -11.21
CA GLU B 330 -18.00 -1.13 -10.67
C GLU B 330 -18.35 -2.08 -11.84
N LEU B 331 -17.49 -2.16 -12.86
CA LEU B 331 -17.82 -2.73 -14.13
C LEU B 331 -16.67 -3.71 -14.52
N GLY B 332 -17.01 -4.86 -15.03
CA GLY B 332 -15.92 -5.77 -15.48
C GLY B 332 -16.48 -6.90 -16.34
N ILE B 333 -15.53 -7.61 -17.00
CA ILE B 333 -15.90 -8.69 -17.89
C ILE B 333 -14.86 -9.82 -17.77
N VAL B 334 -15.36 -11.06 -17.95
CA VAL B 334 -14.54 -12.19 -18.11
C VAL B 334 -14.96 -12.93 -19.39
N MET B 335 -13.98 -13.27 -20.26
CA MET B 335 -14.25 -13.99 -21.47
C MET B 335 -13.38 -15.30 -21.46
N LEU B 336 -14.01 -16.46 -21.47
CA LEU B 336 -13.27 -17.74 -21.45
C LEU B 336 -13.67 -18.56 -22.66
N ALA B 337 -12.69 -18.94 -23.42
CA ALA B 337 -12.88 -19.73 -24.66
C ALA B 337 -11.96 -20.89 -24.78
N ASN B 338 -12.47 -21.99 -25.37
CA ASN B 338 -11.68 -23.12 -25.57
C ASN B 338 -11.08 -23.19 -27.00
N LYS B 339 -10.58 -22.05 -27.42
CA LYS B 339 -9.60 -21.96 -28.53
C LYS B 339 -8.77 -20.75 -28.18
N ASN B 340 -7.47 -20.78 -28.49
CA ASN B 340 -6.59 -19.60 -28.36
C ASN B 340 -6.63 -18.77 -29.64
N TYR B 341 -7.35 -17.71 -29.62
CA TYR B 341 -7.62 -16.80 -30.74
C TYR B 341 -6.92 -15.44 -30.38
N PRO B 342 -6.70 -14.57 -31.36
CA PRO B 342 -5.84 -13.42 -31.12
C PRO B 342 -6.28 -12.49 -30.04
N ASN B 343 -5.31 -12.04 -29.24
CA ASN B 343 -5.60 -11.09 -28.16
C ASN B 343 -6.34 -9.87 -28.60
N PRO B 344 -5.97 -9.31 -29.80
CA PRO B 344 -6.68 -8.06 -30.08
C PRO B 344 -8.19 -8.19 -30.25
N ALA B 345 -8.63 -9.35 -30.73
CA ALA B 345 -10.04 -9.63 -30.91
C ALA B 345 -10.72 -9.73 -29.56
N ARG B 346 -10.02 -10.25 -28.57
CA ARG B 346 -10.55 -10.30 -27.18
C ARG B 346 -10.72 -8.97 -26.65
N VAL B 347 -9.67 -8.15 -26.72
CA VAL B 347 -9.71 -6.86 -26.08
C VAL B 347 -10.76 -5.92 -26.79
N ASP B 348 -10.83 -6.01 -28.08
CA ASP B 348 -11.82 -5.21 -28.87
C ASP B 348 -13.22 -5.53 -28.44
N ALA B 349 -13.50 -6.83 -28.30
CA ALA B 349 -14.85 -7.25 -27.81
C ALA B 349 -15.13 -6.80 -26.45
N ALA B 350 -14.16 -6.99 -25.53
CA ALA B 350 -14.35 -6.48 -24.21
C ALA B 350 -14.63 -4.98 -24.14
N TRP B 351 -13.85 -4.20 -24.86
CA TRP B 351 -14.02 -2.73 -24.82
C TRP B 351 -15.35 -2.29 -25.41
N GLN B 352 -15.75 -2.94 -26.45
CA GLN B 352 -17.06 -2.68 -27.03
C GLN B 352 -18.15 -2.90 -25.98
N ILE B 353 -18.08 -4.02 -25.23
CA ILE B 353 -19.09 -4.25 -24.15
C ILE B 353 -18.97 -3.25 -23.05
N LEU B 354 -17.77 -3.11 -22.49
CA LEU B 354 -17.69 -2.23 -21.35
C LEU B 354 -17.93 -0.77 -21.74
N ASN B 355 -17.43 -0.37 -22.88
CA ASN B 355 -17.67 1.03 -23.25
C ASN B 355 -19.21 1.33 -23.38
N ALA B 356 -19.95 0.39 -23.94
CA ALA B 356 -21.43 0.48 -24.02
C ALA B 356 -22.09 0.62 -22.67
N LEU B 357 -21.53 0.00 -21.65
CA LEU B 357 -22.21 -0.06 -20.38
C LEU B 357 -21.78 0.98 -19.45
N GLN B 358 -20.74 1.64 -19.83
CA GLN B 358 -20.06 2.51 -18.94
C GLN B 358 -20.90 3.74 -18.72
C1 GLC C . 14.48 -6.58 23.21
C2 GLC C . 15.63 -6.92 22.18
C3 GLC C . 17.09 -6.74 22.71
C4 GLC C . 17.02 -5.38 23.42
C5 GLC C . 16.13 -5.60 24.68
C6 GLC C . 16.59 -4.74 25.85
O2 GLC C . 15.29 -8.24 21.66
O3 GLC C . 18.26 -6.87 21.83
O4 GLC C . 18.27 -4.71 23.75
O5 GLC C . 14.73 -5.63 24.29
O6 GLC C . 15.94 -4.96 27.12
O2 FRU C . 13.95 -7.76 23.82
C 1S6 D . 8.34 19.25 16.42
N 1S6 D . 9.47 21.20 17.07
CA 1S6 D . 9.45 20.14 16.05
CB 1S6 D . 10.61 19.22 15.83
CAA 1S6 D . 7.46 24.60 17.18
CAB 1S6 D . 12.59 18.61 19.26
CAC 1S6 D . 13.33 17.21 17.39
OAE 1S6 D . 10.66 15.90 19.20
OAF 1S6 D . 10.44 22.63 15.79
OAH 1S6 D . 10.79 15.40 17.09
CAI 1S6 D . 14.36 21.72 19.85
CAJ 1S6 D . 13.39 21.70 20.86
CAK 1S6 D . 14.08 22.30 18.60
CAL 1S6 D . 12.10 22.26 20.64
CAM 1S6 D . 12.82 22.90 18.42
NAN 1S6 D . 10.02 24.55 19.83
NAP 1S6 D . 10.40 17.90 16.37
OAQ 1S6 D . 8.90 24.99 19.14
SAR 1S6 D . 12.12 19.70 16.77
CAT 1S6 D . 10.72 16.24 18.03
CAU 1S6 D . 9.92 22.36 16.80
CAV 1S6 D . 8.67 24.30 17.95
CAW 1S6 D . 11.84 22.85 19.41
CAX 1S6 D . 10.58 23.50 19.11
CAY 1S6 D . 9.78 23.38 17.87
CBB 1S6 D . 10.85 17.69 17.72
CBC 1S6 D . 12.31 18.25 17.78
OXT 1S6 D . 7.97 19.00 17.54
C 1S6 E . 0.18 -17.11 -20.49
N 1S6 E . 0.99 -18.63 -22.02
CA 1S6 E . 1.41 -17.52 -21.21
CB 1S6 E . 1.86 -16.22 -21.80
CAA 1S6 E . 1.15 -22.46 -21.11
CAB 1S6 E . 0.17 -15.32 -25.29
CAC 1S6 E . 1.65 -13.60 -24.21
OAE 1S6 E . -0.27 -12.79 -21.78
OAF 1S6 E . 3.07 -19.38 -22.17
OAH 1S6 E . -1.77 -13.53 -23.35
CAI 1S6 E . 2.08 -17.73 -27.43
CAJ 1S6 E . 0.74 -18.22 -27.35
CAK 1S6 E . 3.06 -18.25 -26.56
CAL 1S6 E . 0.35 -19.23 -26.46
CAM 1S6 E . 2.67 -19.26 -25.64
NAN 1S6 E . 0.65 -22.08 -24.77
NAP 1S6 E . 0.86 -15.17 -21.63
OAQ 1S6 E . 0.68 -22.78 -23.54
SAR 1S6 E . 2.16 -16.23 -23.56
CAT 1S6 E . -0.72 -13.64 -22.62
CAU 1S6 E . 1.88 -19.52 -22.38
CAV 1S6 E . 1.10 -21.95 -22.50
CAW 1S6 E . 1.33 -19.73 -25.59
CAX 1S6 E . 1.08 -20.79 -24.60
CAY 1S6 E . 1.39 -20.67 -23.14
CBB 1S6 E . 0.03 -14.93 -22.81
CBC 1S6 E . 0.97 -14.95 -24.03
OXT 1S6 E . -0.97 -17.14 -20.92
P PO4 F . 19.45 -0.12 -25.57
O1 PO4 F . 18.98 -1.48 -25.03
O2 PO4 F . 20.68 -0.33 -26.50
O3 PO4 F . 19.79 0.79 -24.37
O4 PO4 F . 18.33 0.55 -26.39
#